data_1X4S
#
_entry.id   1X4S
#
loop_
_entity.id
_entity.type
_entity.pdbx_description
1 polymer 'Zinc finger HIT domain containing protein 2'
2 non-polymer 'ZINC ION'
#
_entity_poly.entity_id   1
_entity_poly.type   'polypeptide(L)'
_entity_poly.pdbx_seq_one_letter_code
;GSSGSSGMEPAGPCGFCPAGEVQPARYTCPRCNAPYCSLRCYRTHGTCAENFYSGPSSG
;
_entity_poly.pdbx_strand_id   A
#
# COMPACT_ATOMS: atom_id res chain seq x y z
N GLY A 1 -15.94 16.42 -7.43
CA GLY A 1 -14.82 15.52 -7.26
C GLY A 1 -14.47 14.78 -8.53
N SER A 2 -13.78 15.47 -9.44
CA SER A 2 -13.39 14.88 -10.71
C SER A 2 -12.47 13.68 -10.49
N SER A 3 -12.26 12.89 -11.54
CA SER A 3 -11.41 11.72 -11.46
C SER A 3 -10.45 11.66 -12.65
N GLY A 4 -9.19 11.34 -12.37
CA GLY A 4 -8.20 11.26 -13.43
C GLY A 4 -8.45 10.10 -14.37
N SER A 5 -8.14 10.30 -15.65
CA SER A 5 -8.33 9.27 -16.65
C SER A 5 -7.98 7.89 -16.10
N SER A 6 -8.49 6.85 -16.73
CA SER A 6 -8.23 5.47 -16.30
C SER A 6 -6.98 4.92 -16.99
N GLY A 7 -5.95 4.65 -16.20
CA GLY A 7 -4.71 4.13 -16.75
C GLY A 7 -3.63 3.98 -15.69
N MET A 8 -3.00 5.09 -15.33
CA MET A 8 -1.94 5.08 -14.33
C MET A 8 -2.29 5.98 -13.16
N GLU A 9 -2.32 5.40 -11.97
CA GLU A 9 -2.64 6.16 -10.75
C GLU A 9 -1.38 6.52 -9.98
N PRO A 10 -1.29 7.79 -9.57
CA PRO A 10 -0.13 8.30 -8.80
C PRO A 10 -0.07 7.72 -7.40
N ALA A 11 0.99 8.06 -6.67
CA ALA A 11 1.17 7.58 -5.31
C ALA A 11 0.27 8.33 -4.34
N GLY A 12 0.30 7.91 -3.08
CA GLY A 12 -0.52 8.56 -2.06
C GLY A 12 0.17 8.61 -0.71
N PRO A 13 -0.17 9.64 0.08
CA PRO A 13 0.41 9.84 1.42
C PRO A 13 -0.06 8.78 2.41
N CYS A 14 0.84 7.86 2.76
CA CYS A 14 0.52 6.80 3.70
C CYS A 14 -0.16 7.36 4.95
N GLY A 15 -1.46 7.10 5.09
CA GLY A 15 -2.19 7.60 6.23
C GLY A 15 -2.07 6.68 7.44
N PHE A 16 -2.01 5.39 7.18
CA PHE A 16 -1.89 4.39 8.25
C PHE A 16 -0.84 4.83 9.28
N CYS A 17 0.18 5.54 8.81
CA CYS A 17 1.25 6.01 9.68
C CYS A 17 0.69 6.94 10.76
N PRO A 18 1.43 7.07 11.87
CA PRO A 18 1.03 7.92 12.99
C PRO A 18 1.13 9.40 12.65
N ALA A 19 0.12 10.16 13.05
CA ALA A 19 0.09 11.60 12.80
C ALA A 19 1.49 12.19 12.82
N GLY A 20 1.85 12.89 11.74
CA GLY A 20 3.17 13.49 11.66
C GLY A 20 4.13 12.67 10.81
N GLU A 21 4.18 11.37 11.07
CA GLU A 21 5.07 10.48 10.33
C GLU A 21 4.44 10.06 9.01
N VAL A 22 3.88 11.03 8.29
CA VAL A 22 3.24 10.76 7.00
C VAL A 22 4.28 10.60 5.89
N GLN A 23 4.31 9.43 5.27
CA GLN A 23 5.26 9.16 4.20
C GLN A 23 4.52 8.90 2.89
N PRO A 24 5.19 9.19 1.76
CA PRO A 24 4.62 8.99 0.43
C PRO A 24 4.49 7.52 0.06
N ALA A 25 3.29 6.98 0.23
CA ALA A 25 3.02 5.58 -0.08
C ALA A 25 3.24 5.31 -1.56
N ARG A 26 4.47 4.94 -1.93
CA ARG A 26 4.79 4.65 -3.32
C ARG A 26 4.13 3.35 -3.77
N TYR A 27 3.81 2.50 -2.82
CA TYR A 27 3.17 1.22 -3.11
C TYR A 27 1.71 1.21 -2.66
N THR A 28 1.00 0.15 -3.00
CA THR A 28 -0.41 0.01 -2.62
C THR A 28 -0.84 -1.44 -2.62
N CYS A 29 -1.71 -1.79 -1.67
CA CYS A 29 -2.21 -3.16 -1.56
C CYS A 29 -2.99 -3.56 -2.80
N PRO A 30 -2.46 -4.55 -3.53
CA PRO A 30 -3.09 -5.04 -4.77
C PRO A 30 -4.37 -5.82 -4.49
N ARG A 31 -4.77 -5.85 -3.21
CA ARG A 31 -5.98 -6.56 -2.81
C ARG A 31 -7.02 -5.58 -2.27
N CYS A 32 -6.55 -4.53 -1.61
CA CYS A 32 -7.45 -3.52 -1.05
C CYS A 32 -6.99 -2.11 -1.43
N ASN A 33 -6.22 -2.02 -2.50
CA ASN A 33 -5.71 -0.74 -2.98
C ASN A 33 -5.40 0.18 -1.81
N ALA A 34 -4.57 -0.29 -0.88
CA ALA A 34 -4.19 0.50 0.29
C ALA A 34 -2.76 1.00 0.16
N PRO A 35 -2.59 2.33 0.09
CA PRO A 35 -1.27 2.95 -0.03
C PRO A 35 -0.47 2.84 1.25
N TYR A 36 0.66 2.14 1.17
CA TYR A 36 1.52 1.95 2.33
C TYR A 36 2.95 2.43 2.04
N CYS A 37 3.53 3.16 2.98
CA CYS A 37 4.88 3.67 2.82
C CYS A 37 5.88 2.53 2.63
N SER A 38 5.80 1.53 3.50
CA SER A 38 6.70 0.39 3.43
C SER A 38 5.98 -0.89 3.88
N LEU A 39 6.72 -2.00 3.85
CA LEU A 39 6.15 -3.29 4.26
C LEU A 39 5.55 -3.20 5.65
N ARG A 40 6.22 -2.48 6.54
CA ARG A 40 5.74 -2.32 7.91
C ARG A 40 4.25 -2.04 7.93
N CYS A 41 3.84 -0.91 7.36
CA CYS A 41 2.45 -0.52 7.32
C CYS A 41 1.62 -1.55 6.54
N TYR A 42 2.14 -1.97 5.40
CA TYR A 42 1.46 -2.94 4.55
C TYR A 42 0.89 -4.08 5.39
N ARG A 43 1.53 -4.34 6.52
CA ARG A 43 1.08 -5.41 7.42
C ARG A 43 0.12 -4.87 8.48
N THR A 44 0.35 -3.63 8.89
CA THR A 44 -0.49 -3.00 9.90
C THR A 44 -1.88 -2.66 9.33
N HIS A 45 -1.88 -1.94 8.21
CA HIS A 45 -3.13 -1.56 7.57
C HIS A 45 -4.12 -2.72 7.55
N GLY A 46 -3.68 -3.86 7.03
CA GLY A 46 -4.53 -5.03 6.97
C GLY A 46 -3.76 -6.31 6.76
N THR A 47 -4.40 -7.45 6.99
CA THR A 47 -3.76 -8.75 6.84
C THR A 47 -4.11 -9.37 5.50
N CYS A 48 -4.17 -8.54 4.46
CA CYS A 48 -4.50 -9.01 3.12
C CYS A 48 -3.41 -9.94 2.60
N ALA A 49 -2.16 -9.64 2.93
CA ALA A 49 -1.03 -10.45 2.49
C ALA A 49 -1.28 -11.93 2.73
N GLU A 50 -1.95 -12.23 3.84
CA GLU A 50 -2.26 -13.62 4.20
C GLU A 50 -2.82 -14.37 2.98
N ASN A 51 -3.91 -13.85 2.43
CA ASN A 51 -4.55 -14.48 1.27
C ASN A 51 -4.09 -13.80 -0.03
N PHE A 52 -2.78 -13.73 -0.21
CA PHE A 52 -2.22 -13.11 -1.41
C PHE A 52 -1.10 -13.98 -1.99
N TYR A 53 -0.12 -14.31 -1.16
CA TYR A 53 1.01 -15.13 -1.60
C TYR A 53 0.54 -16.23 -2.55
N SER A 54 -0.54 -16.91 -2.18
CA SER A 54 -1.08 -17.99 -3.00
C SER A 54 -0.05 -19.09 -3.21
N GLY A 55 0.69 -19.42 -2.15
CA GLY A 55 1.71 -20.45 -2.24
C GLY A 55 1.43 -21.62 -1.31
N PRO A 56 2.00 -22.78 -1.65
CA PRO A 56 1.83 -24.00 -0.84
C PRO A 56 2.55 -23.92 0.50
N SER A 57 3.20 -22.79 0.74
CA SER A 57 3.94 -22.58 1.99
C SER A 57 2.98 -22.35 3.15
N SER A 58 2.11 -21.36 3.01
CA SER A 58 1.15 -21.03 4.05
C SER A 58 0.61 -22.28 4.72
N GLY A 59 0.31 -22.18 6.01
CA GLY A 59 -0.20 -23.32 6.75
C GLY A 59 -1.57 -23.06 7.35
N GLY A 1 -6.55 17.49 7.73
CA GLY A 1 -6.49 17.23 6.31
C GLY A 1 -5.88 18.38 5.52
N SER A 2 -5.07 18.05 4.53
CA SER A 2 -4.41 19.06 3.71
C SER A 2 -4.86 18.96 2.26
N SER A 3 -4.73 20.07 1.53
CA SER A 3 -5.14 20.12 0.13
C SER A 3 -3.97 20.57 -0.75
N GLY A 4 -3.80 19.89 -1.88
CA GLY A 4 -2.73 20.24 -2.80
C GLY A 4 -1.61 19.22 -2.78
N SER A 5 -1.74 18.18 -3.60
CA SER A 5 -0.72 17.14 -3.66
C SER A 5 0.29 17.43 -4.78
N SER A 6 1.31 16.58 -4.87
CA SER A 6 2.35 16.75 -5.89
C SER A 6 3.30 15.55 -5.90
N GLY A 7 4.10 15.45 -6.95
CA GLY A 7 5.04 14.36 -7.06
C GLY A 7 5.24 13.91 -8.50
N MET A 8 6.50 13.77 -8.90
CA MET A 8 6.83 13.34 -10.25
C MET A 8 6.20 11.99 -10.57
N GLU A 9 6.37 11.03 -9.65
CA GLU A 9 5.81 9.70 -9.83
C GLU A 9 4.45 9.58 -9.16
N PRO A 10 3.57 8.75 -9.73
CA PRO A 10 2.22 8.52 -9.21
C PRO A 10 2.24 7.75 -7.89
N ALA A 11 1.90 8.45 -6.81
CA ALA A 11 1.86 7.84 -5.49
C ALA A 11 0.97 8.62 -4.54
N GLY A 12 0.65 8.02 -3.39
CA GLY A 12 -0.20 8.68 -2.41
C GLY A 12 0.40 8.66 -1.03
N PRO A 13 -0.02 9.62 -0.18
CA PRO A 13 0.47 9.74 1.19
C PRO A 13 -0.02 8.61 2.08
N CYS A 14 0.90 7.74 2.49
CA CYS A 14 0.56 6.61 3.34
C CYS A 14 -0.41 7.03 4.44
N GLY A 15 -1.70 6.75 4.23
CA GLY A 15 -2.71 7.10 5.20
C GLY A 15 -2.80 6.08 6.32
N PHE A 16 -1.66 5.66 6.84
CA PHE A 16 -1.62 4.68 7.92
C PHE A 16 -0.65 5.12 9.01
N CYS A 17 0.43 5.77 8.61
CA CYS A 17 1.43 6.25 9.56
C CYS A 17 0.81 7.20 10.58
N PRO A 18 1.47 7.33 11.73
CA PRO A 18 1.02 8.21 12.82
C PRO A 18 1.13 9.69 12.46
N ALA A 19 0.06 10.44 12.69
CA ALA A 19 0.05 11.86 12.40
C ALA A 19 1.43 12.48 12.63
N GLY A 20 2.03 12.96 11.55
CA GLY A 20 3.35 13.57 11.65
C GLY A 20 4.40 12.83 10.86
N GLU A 21 4.39 11.51 10.96
CA GLU A 21 5.35 10.68 10.25
C GLU A 21 4.78 10.21 8.90
N VAL A 22 4.13 11.13 8.20
CA VAL A 22 3.54 10.82 6.90
C VAL A 22 4.62 10.53 5.86
N GLN A 23 4.53 9.37 5.23
CA GLN A 23 5.50 8.97 4.21
C GLN A 23 4.81 8.72 2.88
N PRO A 24 5.57 8.86 1.78
CA PRO A 24 5.05 8.65 0.43
C PRO A 24 4.75 7.18 0.14
N ALA A 25 3.47 6.86 0.06
CA ALA A 25 3.05 5.48 -0.21
C ALA A 25 3.23 5.13 -1.69
N ARG A 26 4.48 4.94 -2.09
CA ARG A 26 4.79 4.61 -3.48
C ARG A 26 4.13 3.29 -3.88
N TYR A 27 3.84 2.45 -2.88
CA TYR A 27 3.21 1.17 -3.13
C TYR A 27 1.76 1.16 -2.64
N THR A 28 1.00 0.15 -3.05
CA THR A 28 -0.39 0.03 -2.64
C THR A 28 -0.84 -1.43 -2.65
N CYS A 29 -1.76 -1.77 -1.75
CA CYS A 29 -2.27 -3.13 -1.65
C CYS A 29 -3.00 -3.52 -2.94
N PRO A 30 -2.49 -4.58 -3.60
CA PRO A 30 -3.08 -5.09 -4.85
C PRO A 30 -4.44 -5.74 -4.62
N ARG A 31 -4.93 -5.67 -3.40
CA ARG A 31 -6.22 -6.26 -3.04
C ARG A 31 -7.18 -5.21 -2.52
N CYS A 32 -6.70 -4.40 -1.58
CA CYS A 32 -7.52 -3.34 -0.99
C CYS A 32 -7.00 -1.97 -1.37
N ASN A 33 -6.25 -1.91 -2.47
CA ASN A 33 -5.68 -0.66 -2.95
C ASN A 33 -5.34 0.27 -1.79
N ALA A 34 -4.55 -0.24 -0.85
CA ALA A 34 -4.16 0.55 0.31
C ALA A 34 -2.72 1.05 0.18
N PRO A 35 -2.57 2.37 0.06
CA PRO A 35 -1.26 3.01 -0.08
C PRO A 35 -0.43 2.93 1.19
N TYR A 36 0.65 2.17 1.14
CA TYR A 36 1.54 2.01 2.30
C TYR A 36 2.95 2.47 1.98
N CYS A 37 3.55 3.20 2.90
CA CYS A 37 4.91 3.70 2.72
C CYS A 37 5.90 2.55 2.60
N SER A 38 5.81 1.60 3.53
CA SER A 38 6.71 0.45 3.53
C SER A 38 5.96 -0.81 3.96
N LEU A 39 6.66 -1.95 3.92
CA LEU A 39 6.07 -3.22 4.31
C LEU A 39 5.45 -3.14 5.69
N ARG A 40 6.12 -2.41 6.59
CA ARG A 40 5.64 -2.25 7.96
C ARG A 40 4.15 -1.93 7.98
N CYS A 41 3.77 -0.88 7.25
CA CYS A 41 2.37 -0.48 7.19
C CYS A 41 1.54 -1.49 6.41
N TYR A 42 2.12 -2.02 5.33
CA TYR A 42 1.44 -2.99 4.50
C TYR A 42 0.89 -4.15 5.34
N ARG A 43 1.56 -4.42 6.46
CA ARG A 43 1.15 -5.49 7.35
C ARG A 43 0.19 -4.99 8.42
N THR A 44 0.39 -3.74 8.84
CA THR A 44 -0.45 -3.13 9.86
C THR A 44 -1.82 -2.75 9.28
N HIS A 45 -1.80 -1.91 8.26
CA HIS A 45 -3.05 -1.48 7.62
C HIS A 45 -4.08 -2.60 7.62
N GLY A 46 -3.64 -3.79 7.19
CA GLY A 46 -4.55 -4.93 7.14
C GLY A 46 -3.81 -6.24 7.02
N THR A 47 -4.56 -7.32 6.84
CA THR A 47 -3.96 -8.65 6.71
C THR A 47 -4.20 -9.23 5.32
N CYS A 48 -4.00 -8.39 4.30
CA CYS A 48 -4.19 -8.82 2.92
C CYS A 48 -2.94 -9.51 2.39
N ALA A 49 -2.28 -10.28 3.26
CA ALA A 49 -1.07 -10.98 2.87
C ALA A 49 -1.23 -12.50 3.09
N GLU A 50 -2.02 -12.86 4.10
CA GLU A 50 -2.25 -14.26 4.41
C GLU A 50 -2.28 -15.10 3.13
N ASN A 51 -2.86 -14.55 2.08
CA ASN A 51 -2.96 -15.26 0.80
C ASN A 51 -1.86 -14.79 -0.16
N PHE A 52 -1.53 -13.50 -0.09
CA PHE A 52 -0.50 -12.93 -0.95
C PHE A 52 0.89 -13.18 -0.36
N TYR A 53 1.42 -14.37 -0.60
CA TYR A 53 2.74 -14.74 -0.10
C TYR A 53 3.73 -14.92 -1.24
N SER A 54 3.40 -15.80 -2.18
CA SER A 54 4.26 -16.07 -3.32
C SER A 54 4.12 -14.97 -4.38
N GLY A 55 5.25 -14.46 -4.86
CA GLY A 55 5.23 -13.42 -5.86
C GLY A 55 6.59 -13.18 -6.48
N PRO A 56 6.92 -13.94 -7.52
CA PRO A 56 8.21 -13.82 -8.22
C PRO A 56 8.32 -12.53 -9.00
N SER A 57 9.31 -11.70 -8.65
CA SER A 57 9.53 -10.43 -9.31
C SER A 57 11.00 -10.04 -9.27
N SER A 58 11.31 -8.87 -9.84
CA SER A 58 12.69 -8.39 -9.86
C SER A 58 12.95 -7.42 -8.71
N GLY A 59 14.21 -7.08 -8.50
CA GLY A 59 14.57 -6.17 -7.44
C GLY A 59 15.57 -6.77 -6.47
N GLY A 1 -7.96 -9.00 -25.44
CA GLY A 1 -6.89 -9.17 -24.47
C GLY A 1 -6.31 -7.84 -24.02
N SER A 2 -5.11 -7.89 -23.45
CA SER A 2 -4.44 -6.68 -22.97
C SER A 2 -2.97 -6.69 -23.35
N SER A 3 -2.38 -5.51 -23.46
CA SER A 3 -0.98 -5.37 -23.82
C SER A 3 -0.41 -4.05 -23.31
N GLY A 4 0.92 -3.96 -23.28
CA GLY A 4 1.56 -2.75 -22.81
C GLY A 4 2.37 -2.98 -21.55
N SER A 5 3.63 -3.40 -21.71
CA SER A 5 4.50 -3.65 -20.57
C SER A 5 4.42 -2.52 -19.56
N SER A 6 4.60 -1.29 -20.04
CA SER A 6 4.56 -0.11 -19.18
C SER A 6 3.42 -0.23 -18.16
N GLY A 7 3.65 0.28 -16.96
CA GLY A 7 2.64 0.23 -15.92
C GLY A 7 2.87 1.26 -14.84
N MET A 8 2.68 2.53 -15.18
CA MET A 8 2.86 3.62 -14.24
C MET A 8 1.58 3.88 -13.45
N GLU A 9 1.73 4.45 -12.26
CA GLU A 9 0.57 4.75 -11.41
C GLU A 9 0.96 5.75 -10.32
N PRO A 10 0.07 6.71 -10.07
CA PRO A 10 0.28 7.75 -9.05
C PRO A 10 0.21 7.19 -7.63
N ALA A 11 1.22 7.51 -6.83
CA ALA A 11 1.28 7.04 -5.45
C ALA A 11 0.46 7.94 -4.53
N GLY A 12 0.30 7.52 -3.28
CA GLY A 12 -0.47 8.31 -2.33
C GLY A 12 0.20 8.36 -0.97
N PRO A 13 -0.16 9.39 -0.17
CA PRO A 13 0.40 9.58 1.17
C PRO A 13 -0.08 8.51 2.16
N CYS A 14 0.84 7.64 2.57
CA CYS A 14 0.51 6.58 3.51
C CYS A 14 -0.50 7.07 4.55
N GLY A 15 -1.75 6.65 4.39
CA GLY A 15 -2.78 7.05 5.32
C GLY A 15 -2.92 6.08 6.49
N PHE A 16 -1.80 5.53 6.93
CA PHE A 16 -1.81 4.59 8.04
C PHE A 16 -0.85 5.04 9.14
N CYS A 17 0.24 5.67 8.75
CA CYS A 17 1.24 6.15 9.70
C CYS A 17 0.61 7.14 10.68
N PRO A 18 1.24 7.29 11.86
CA PRO A 18 0.76 8.20 12.90
C PRO A 18 0.93 9.67 12.52
N ALA A 19 -0.10 10.46 12.79
CA ALA A 19 -0.07 11.88 12.47
C ALA A 19 1.35 12.44 12.53
N GLY A 20 1.73 13.21 11.52
CA GLY A 20 3.05 13.78 11.48
C GLY A 20 4.04 12.92 10.72
N GLU A 21 4.00 11.61 10.98
CA GLU A 21 4.90 10.67 10.32
C GLU A 21 4.30 10.20 8.99
N VAL A 22 3.69 11.12 8.27
CA VAL A 22 3.08 10.80 6.98
C VAL A 22 4.13 10.67 5.89
N GLN A 23 4.20 9.51 5.26
CA GLN A 23 5.16 9.26 4.19
C GLN A 23 4.46 8.96 2.87
N PRO A 24 5.15 9.23 1.76
CA PRO A 24 4.60 9.00 0.42
C PRO A 24 4.48 7.51 0.09
N ALA A 25 3.26 6.99 0.21
CA ALA A 25 3.01 5.58 -0.07
C ALA A 25 3.19 5.28 -1.56
N ARG A 26 4.42 4.96 -1.95
CA ARG A 26 4.72 4.65 -3.34
C ARG A 26 4.00 3.37 -3.78
N TYR A 27 3.88 2.42 -2.86
CA TYR A 27 3.22 1.16 -3.15
C TYR A 27 1.77 1.17 -2.67
N THR A 28 1.06 0.08 -2.94
CA THR A 28 -0.33 -0.03 -2.53
C THR A 28 -0.80 -1.49 -2.55
N CYS A 29 -1.68 -1.84 -1.62
CA CYS A 29 -2.19 -3.20 -1.55
C CYS A 29 -2.93 -3.58 -2.83
N PRO A 30 -2.40 -4.57 -3.55
CA PRO A 30 -2.99 -5.04 -4.81
C PRO A 30 -4.29 -5.79 -4.58
N ARG A 31 -4.77 -5.78 -3.34
CA ARG A 31 -6.02 -6.46 -3.01
C ARG A 31 -7.05 -5.47 -2.47
N CYS A 32 -6.59 -4.51 -1.66
CA CYS A 32 -7.47 -3.50 -1.09
C CYS A 32 -6.98 -2.10 -1.43
N ASN A 33 -6.22 -1.99 -2.50
CA ASN A 33 -5.68 -0.71 -2.93
C ASN A 33 -5.37 0.18 -1.73
N ALA A 34 -4.56 -0.33 -0.81
CA ALA A 34 -4.19 0.42 0.38
C ALA A 34 -2.74 0.92 0.27
N PRO A 35 -2.59 2.26 0.19
CA PRO A 35 -1.28 2.89 0.09
C PRO A 35 -0.47 2.79 1.39
N TYR A 36 0.70 2.19 1.29
CA TYR A 36 1.56 2.03 2.46
C TYR A 36 2.98 2.50 2.17
N CYS A 37 3.52 3.33 3.07
CA CYS A 37 4.86 3.87 2.90
C CYS A 37 5.88 2.74 2.77
N SER A 38 5.80 1.77 3.67
CA SER A 38 6.71 0.63 3.65
C SER A 38 5.99 -0.66 4.05
N LEU A 39 6.70 -1.77 3.95
CA LEU A 39 6.13 -3.08 4.31
C LEU A 39 5.49 -3.03 5.69
N ARG A 40 6.20 -2.43 6.64
CA ARG A 40 5.71 -2.33 8.01
C ARG A 40 4.23 -1.92 8.02
N CYS A 41 3.86 -1.04 7.10
CA CYS A 41 2.48 -0.58 7.00
C CYS A 41 1.64 -1.52 6.14
N TYR A 42 2.26 -2.08 5.11
CA TYR A 42 1.57 -2.99 4.22
C TYR A 42 0.99 -4.18 4.98
N ARG A 43 1.58 -4.46 6.14
CA ARG A 43 1.12 -5.57 6.98
C ARG A 43 0.18 -5.08 8.06
N THR A 44 0.47 -3.89 8.59
CA THR A 44 -0.35 -3.30 9.65
C THR A 44 -1.71 -2.86 9.11
N HIS A 45 -1.68 -2.02 8.08
CA HIS A 45 -2.91 -1.52 7.47
C HIS A 45 -3.99 -2.59 7.48
N GLY A 46 -3.63 -3.80 7.06
CA GLY A 46 -4.59 -4.89 7.02
C GLY A 46 -3.90 -6.25 6.91
N THR A 47 -4.69 -7.31 7.10
CA THR A 47 -4.16 -8.66 7.02
C THR A 47 -4.47 -9.30 5.66
N CYS A 48 -4.34 -8.51 4.61
CA CYS A 48 -4.61 -8.99 3.26
C CYS A 48 -3.51 -9.94 2.80
N ALA A 49 -2.28 -9.69 3.24
CA ALA A 49 -1.14 -10.52 2.87
C ALA A 49 -1.14 -11.83 3.65
N GLU A 50 -2.22 -12.60 3.48
CA GLU A 50 -2.34 -13.88 4.17
C GLU A 50 -2.51 -15.03 3.17
N ASN A 51 -3.29 -14.78 2.13
CA ASN A 51 -3.54 -15.79 1.10
C ASN A 51 -2.86 -15.40 -0.22
N PHE A 52 -2.86 -14.11 -0.52
CA PHE A 52 -2.24 -13.61 -1.74
C PHE A 52 -1.00 -14.41 -2.09
N TYR A 53 -0.19 -14.69 -1.07
CA TYR A 53 1.05 -15.45 -1.26
C TYR A 53 0.76 -16.81 -1.89
N SER A 54 1.68 -17.28 -2.74
CA SER A 54 1.53 -18.57 -3.40
C SER A 54 2.71 -19.48 -3.10
N GLY A 55 2.57 -20.74 -3.46
CA GLY A 55 3.64 -21.70 -3.22
C GLY A 55 3.13 -23.13 -3.16
N PRO A 56 2.61 -23.53 -1.99
CA PRO A 56 2.07 -24.88 -1.78
C PRO A 56 0.78 -25.12 -2.56
N SER A 57 0.36 -24.13 -3.33
CA SER A 57 -0.86 -24.23 -4.11
C SER A 57 -0.54 -24.56 -5.57
N SER A 58 -0.89 -25.77 -5.99
CA SER A 58 -0.65 -26.21 -7.36
C SER A 58 -1.77 -25.77 -8.28
N GLY A 59 -3.01 -26.10 -7.89
CA GLY A 59 -4.16 -25.74 -8.69
C GLY A 59 -4.67 -24.34 -8.38
N GLY A 1 -11.42 24.88 -17.87
CA GLY A 1 -12.23 24.08 -16.98
C GLY A 1 -12.07 22.59 -17.24
N SER A 2 -10.82 22.15 -17.35
CA SER A 2 -10.54 20.74 -17.59
C SER A 2 -11.03 19.87 -16.45
N SER A 3 -11.82 18.85 -16.78
CA SER A 3 -12.38 17.96 -15.78
C SER A 3 -11.40 16.81 -15.48
N GLY A 4 -10.59 17.00 -14.45
CA GLY A 4 -9.62 15.98 -14.09
C GLY A 4 -8.96 15.35 -15.29
N SER A 5 -8.44 16.18 -16.19
CA SER A 5 -7.78 15.68 -17.40
C SER A 5 -6.34 15.29 -17.10
N SER A 6 -6.08 13.99 -17.06
CA SER A 6 -4.74 13.48 -16.78
C SER A 6 -4.68 11.98 -16.99
N GLY A 7 -3.46 11.44 -17.02
CA GLY A 7 -3.28 10.01 -17.21
C GLY A 7 -2.46 9.37 -16.11
N MET A 8 -1.18 9.68 -16.07
CA MET A 8 -0.28 9.12 -15.05
C MET A 8 -0.55 9.77 -13.70
N GLU A 9 -0.92 8.95 -12.72
CA GLU A 9 -1.19 9.45 -11.38
C GLU A 9 -0.11 9.00 -10.40
N PRO A 10 0.41 9.96 -9.62
CA PRO A 10 1.45 9.69 -8.63
C PRO A 10 0.94 8.86 -7.45
N ALA A 11 1.85 8.47 -6.57
CA ALA A 11 1.49 7.68 -5.40
C ALA A 11 0.65 8.49 -4.42
N GLY A 12 0.30 7.88 -3.29
CA GLY A 12 -0.51 8.56 -2.30
C GLY A 12 0.14 8.54 -0.92
N PRO A 13 -0.27 9.49 -0.07
CA PRO A 13 0.26 9.59 1.29
C PRO A 13 -0.21 8.45 2.19
N CYS A 14 0.73 7.62 2.63
CA CYS A 14 0.41 6.49 3.49
C CYS A 14 -0.60 6.88 4.55
N GLY A 15 -1.87 6.58 4.29
CA GLY A 15 -2.93 6.91 5.22
C GLY A 15 -3.04 5.89 6.34
N PHE A 16 -1.91 5.42 6.83
CA PHE A 16 -1.89 4.43 7.91
C PHE A 16 -0.96 4.88 9.04
N CYS A 17 0.11 5.58 8.68
CA CYS A 17 1.07 6.05 9.67
C CYS A 17 0.40 6.97 10.68
N PRO A 18 1.01 7.09 11.87
CA PRO A 18 0.48 7.93 12.95
C PRO A 18 0.59 9.41 12.63
N ALA A 19 -0.47 10.16 12.94
CA ALA A 19 -0.49 11.60 12.69
C ALA A 19 0.89 12.21 12.87
N GLY A 20 1.37 12.91 11.85
CA GLY A 20 2.68 13.53 11.90
C GLY A 20 3.73 12.76 11.13
N GLU A 21 3.70 11.44 11.24
CA GLU A 21 4.65 10.59 10.54
C GLU A 21 4.11 10.16 9.19
N VAL A 22 3.46 11.09 8.49
CA VAL A 22 2.89 10.81 7.18
C VAL A 22 3.98 10.63 6.13
N GLN A 23 4.03 9.44 5.54
CA GLN A 23 5.02 9.14 4.51
C GLN A 23 4.36 8.83 3.18
N PRO A 24 5.09 9.08 2.08
CA PRO A 24 4.59 8.84 0.72
C PRO A 24 4.46 7.34 0.41
N ALA A 25 3.22 6.89 0.27
CA ALA A 25 2.96 5.48 -0.03
C ALA A 25 3.36 5.15 -1.47
N ARG A 26 4.65 4.96 -1.70
CA ARG A 26 5.16 4.64 -3.02
C ARG A 26 4.53 3.35 -3.55
N TYR A 27 3.95 2.57 -2.64
CA TYR A 27 3.32 1.31 -3.00
C TYR A 27 1.85 1.30 -2.57
N THR A 28 1.18 0.18 -2.82
CA THR A 28 -0.22 0.03 -2.46
C THR A 28 -0.64 -1.44 -2.46
N CYS A 29 -1.60 -1.77 -1.60
CA CYS A 29 -2.08 -3.14 -1.50
C CYS A 29 -2.84 -3.55 -2.76
N PRO A 30 -2.31 -4.54 -3.49
CA PRO A 30 -2.91 -5.04 -4.72
C PRO A 30 -4.21 -5.79 -4.47
N ARG A 31 -4.67 -5.77 -3.21
CA ARG A 31 -5.89 -6.45 -2.84
C ARG A 31 -6.95 -5.46 -2.35
N CYS A 32 -6.50 -4.45 -1.61
CA CYS A 32 -7.39 -3.43 -1.07
C CYS A 32 -6.88 -2.03 -1.39
N ASN A 33 -6.15 -1.92 -2.50
CA ASN A 33 -5.60 -0.63 -2.92
C ASN A 33 -5.27 0.24 -1.71
N ALA A 34 -4.46 -0.30 -0.81
CA ALA A 34 -4.06 0.43 0.39
C ALA A 34 -2.64 0.98 0.25
N PRO A 35 -2.53 2.31 0.13
CA PRO A 35 -1.24 2.99 -0.01
C PRO A 35 -0.43 2.95 1.28
N TYR A 36 0.65 2.16 1.27
CA TYR A 36 1.51 2.02 2.44
C TYR A 36 2.91 2.57 2.14
N CYS A 37 3.49 3.26 3.11
CA CYS A 37 4.83 3.82 2.96
C CYS A 37 5.86 2.72 2.78
N SER A 38 5.73 1.66 3.57
CA SER A 38 6.67 0.54 3.50
C SER A 38 5.99 -0.76 3.92
N LEU A 39 6.65 -1.88 3.66
CA LEU A 39 6.11 -3.19 4.01
C LEU A 39 5.53 -3.18 5.42
N ARG A 40 6.13 -2.38 6.29
CA ARG A 40 5.66 -2.27 7.67
C ARG A 40 4.16 -1.99 7.72
N CYS A 41 3.76 -0.82 7.23
CA CYS A 41 2.36 -0.44 7.22
C CYS A 41 1.53 -1.40 6.36
N TYR A 42 2.16 -1.94 5.33
CA TYR A 42 1.49 -2.87 4.43
C TYR A 42 0.94 -4.07 5.20
N ARG A 43 1.59 -4.41 6.31
CA ARG A 43 1.16 -5.53 7.13
C ARG A 43 0.22 -5.07 8.23
N THR A 44 0.42 -3.85 8.71
CA THR A 44 -0.41 -3.29 9.77
C THR A 44 -1.80 -2.93 9.24
N HIS A 45 -1.83 -2.09 8.19
CA HIS A 45 -3.08 -1.67 7.59
C HIS A 45 -4.09 -2.81 7.56
N GLY A 46 -3.68 -3.94 6.98
CA GLY A 46 -4.56 -5.09 6.89
C GLY A 46 -3.79 -6.39 6.78
N THR A 47 -4.52 -7.51 6.86
CA THR A 47 -3.90 -8.83 6.76
C THR A 47 -4.08 -9.42 5.37
N CYS A 48 -4.44 -8.57 4.42
CA CYS A 48 -4.64 -9.01 3.05
C CYS A 48 -3.50 -9.93 2.59
N ALA A 49 -2.33 -9.74 3.19
CA ALA A 49 -1.17 -10.55 2.86
C ALA A 49 -1.18 -11.87 3.61
N GLU A 50 -2.37 -12.43 3.82
CA GLU A 50 -2.52 -13.68 4.54
C GLU A 50 -2.69 -14.85 3.57
N ASN A 51 -3.04 -14.52 2.33
CA ASN A 51 -3.24 -15.54 1.30
C ASN A 51 -2.43 -15.21 0.04
N PHE A 52 -2.41 -13.93 -0.32
CA PHE A 52 -1.68 -13.48 -1.50
C PHE A 52 -0.22 -13.94 -1.45
N TYR A 53 0.09 -14.97 -2.24
CA TYR A 53 1.45 -15.50 -2.27
C TYR A 53 1.62 -16.43 -3.48
N SER A 54 2.85 -16.90 -3.68
CA SER A 54 3.15 -17.79 -4.79
C SER A 54 3.23 -19.24 -4.33
N GLY A 55 2.51 -20.12 -5.02
CA GLY A 55 2.51 -21.52 -4.66
C GLY A 55 1.81 -21.79 -3.34
N PRO A 56 0.47 -21.95 -3.40
CA PRO A 56 -0.34 -22.21 -2.20
C PRO A 56 -0.09 -23.60 -1.63
N SER A 57 -0.10 -23.69 -0.30
CA SER A 57 0.13 -24.96 0.37
C SER A 57 -1.10 -25.37 1.19
N SER A 58 -1.66 -24.40 1.91
CA SER A 58 -2.84 -24.66 2.74
C SER A 58 -3.96 -25.27 1.90
N GLY A 59 -4.63 -26.28 2.47
CA GLY A 59 -5.71 -26.93 1.77
C GLY A 59 -5.47 -28.42 1.58
N GLY A 1 -13.51 22.03 -7.16
CA GLY A 1 -12.23 21.34 -7.23
C GLY A 1 -12.21 20.09 -6.36
N SER A 2 -11.49 19.08 -6.81
CA SER A 2 -11.39 17.82 -6.07
C SER A 2 -10.03 17.71 -5.38
N SER A 3 -10.05 17.64 -4.05
CA SER A 3 -8.82 17.53 -3.27
C SER A 3 -8.47 16.07 -3.01
N GLY A 4 -7.41 15.59 -3.65
CA GLY A 4 -6.98 14.22 -3.47
C GLY A 4 -5.48 14.10 -3.30
N SER A 5 -4.80 13.60 -4.33
CA SER A 5 -3.36 13.42 -4.28
C SER A 5 -2.65 14.77 -4.20
N SER A 6 -1.35 14.73 -3.91
CA SER A 6 -0.56 15.95 -3.80
C SER A 6 0.29 16.17 -5.04
N GLY A 7 1.11 15.16 -5.37
CA GLY A 7 1.97 15.27 -6.54
C GLY A 7 1.34 14.65 -7.78
N MET A 8 2.04 14.75 -8.90
CA MET A 8 1.54 14.19 -10.16
C MET A 8 2.23 12.87 -10.49
N GLU A 9 2.41 12.04 -9.46
CA GLU A 9 3.06 10.75 -9.65
C GLU A 9 2.22 9.62 -9.02
N PRO A 10 2.44 8.39 -9.50
CA PRO A 10 1.72 7.21 -9.01
C PRO A 10 2.13 6.85 -7.59
N ALA A 11 1.52 7.51 -6.61
CA ALA A 11 1.82 7.24 -5.21
C ALA A 11 0.90 8.04 -4.28
N GLY A 12 0.39 7.38 -3.25
CA GLY A 12 -0.49 8.05 -2.31
C GLY A 12 0.14 8.23 -0.95
N PRO A 13 -0.31 9.26 -0.22
CA PRO A 13 0.22 9.56 1.12
C PRO A 13 -0.21 8.53 2.16
N CYS A 14 0.73 7.69 2.58
CA CYS A 14 0.44 6.66 3.56
C CYS A 14 -0.28 7.24 4.77
N GLY A 15 -1.58 7.02 4.83
CA GLY A 15 -2.37 7.53 5.94
C GLY A 15 -2.18 6.72 7.21
N PHE A 16 -2.12 5.40 7.07
CA PHE A 16 -1.95 4.51 8.21
C PHE A 16 -0.94 5.09 9.19
N CYS A 17 0.10 5.73 8.67
CA CYS A 17 1.13 6.34 9.50
C CYS A 17 0.56 7.49 10.32
N PRO A 18 1.24 7.81 11.44
CA PRO A 18 0.82 8.90 12.33
C PRO A 18 1.01 10.27 11.70
N ALA A 19 0.31 11.26 12.23
CA ALA A 19 0.40 12.63 11.72
C ALA A 19 1.87 13.04 11.54
N GLY A 20 2.13 13.83 10.51
CA GLY A 20 3.47 14.29 10.25
C GLY A 20 4.33 13.23 9.55
N GLU A 21 4.42 12.05 10.18
CA GLU A 21 5.20 10.96 9.61
C GLU A 21 4.69 10.59 8.22
N VAL A 22 3.53 11.13 7.85
CA VAL A 22 2.94 10.85 6.55
C VAL A 22 4.02 10.76 5.47
N GLN A 23 4.09 9.60 4.83
CA GLN A 23 5.07 9.38 3.76
C GLN A 23 4.39 9.04 2.45
N PRO A 24 5.08 9.33 1.32
CA PRO A 24 4.55 9.07 -0.01
C PRO A 24 4.48 7.58 -0.32
N ALA A 25 3.34 6.97 -0.03
CA ALA A 25 3.15 5.55 -0.28
C ALA A 25 3.27 5.24 -1.76
N ARG A 26 4.47 4.82 -2.17
CA ARG A 26 4.73 4.49 -3.57
C ARG A 26 4.00 3.21 -3.96
N TYR A 27 3.91 2.28 -3.02
CA TYR A 27 3.24 1.01 -3.27
C TYR A 27 1.80 1.04 -2.81
N THR A 28 1.09 -0.07 -2.97
CA THR A 28 -0.30 -0.17 -2.56
C THR A 28 -0.79 -1.62 -2.56
N CYS A 29 -1.66 -1.94 -1.62
CA CYS A 29 -2.20 -3.29 -1.52
C CYS A 29 -2.95 -3.68 -2.79
N PRO A 30 -2.44 -4.71 -3.49
CA PRO A 30 -3.05 -5.19 -4.72
C PRO A 30 -4.38 -5.90 -4.49
N ARG A 31 -4.85 -5.86 -3.24
CA ARG A 31 -6.11 -6.49 -2.87
C ARG A 31 -7.11 -5.46 -2.38
N CYS A 32 -6.63 -4.49 -1.60
CA CYS A 32 -7.48 -3.45 -1.06
C CYS A 32 -6.93 -2.06 -1.41
N ASN A 33 -6.19 -1.98 -2.51
CA ASN A 33 -5.60 -0.72 -2.94
C ASN A 33 -5.27 0.17 -1.75
N ALA A 34 -4.49 -0.36 -0.82
CA ALA A 34 -4.10 0.38 0.38
C ALA A 34 -2.66 0.89 0.25
N PRO A 35 -2.51 2.21 0.15
CA PRO A 35 -1.19 2.85 0.03
C PRO A 35 -0.39 2.76 1.33
N TYR A 36 0.80 2.18 1.24
CA TYR A 36 1.67 2.03 2.41
C TYR A 36 3.09 2.47 2.09
N CYS A 37 3.62 3.36 2.91
CA CYS A 37 4.97 3.87 2.72
C CYS A 37 5.98 2.73 2.65
N SER A 38 5.80 1.72 3.50
CA SER A 38 6.70 0.58 3.53
C SER A 38 5.94 -0.69 3.96
N LEU A 39 6.60 -1.84 3.82
CA LEU A 39 5.99 -3.11 4.19
C LEU A 39 5.39 -3.03 5.59
N ARG A 40 6.15 -2.46 6.53
CA ARG A 40 5.69 -2.33 7.90
C ARG A 40 4.19 -2.03 7.96
N CYS A 41 3.78 -1.01 7.22
CA CYS A 41 2.37 -0.61 7.18
C CYS A 41 1.55 -1.62 6.37
N TYR A 42 2.15 -2.15 5.31
CA TYR A 42 1.47 -3.12 4.46
C TYR A 42 0.87 -4.25 5.29
N ARG A 43 1.51 -4.56 6.41
CA ARG A 43 1.04 -5.61 7.30
C ARG A 43 0.09 -5.06 8.36
N THR A 44 0.36 -3.85 8.81
CA THR A 44 -0.47 -3.20 9.81
C THR A 44 -1.83 -2.81 9.25
N HIS A 45 -1.82 -2.02 8.18
CA HIS A 45 -3.05 -1.58 7.54
C HIS A 45 -4.08 -2.70 7.52
N GLY A 46 -3.67 -3.88 7.09
CA GLY A 46 -4.57 -5.02 7.03
C GLY A 46 -3.83 -6.33 6.85
N THR A 47 -4.56 -7.43 6.99
CA THR A 47 -3.97 -8.76 6.84
C THR A 47 -4.35 -9.38 5.50
N CYS A 48 -4.32 -8.56 4.45
CA CYS A 48 -4.66 -9.02 3.11
C CYS A 48 -3.57 -9.93 2.56
N ALA A 49 -2.32 -9.56 2.79
CA ALA A 49 -1.18 -10.34 2.32
C ALA A 49 -1.32 -11.81 2.74
N GLU A 50 -1.68 -12.02 4.00
CA GLU A 50 -1.85 -13.38 4.52
C GLU A 50 -2.52 -14.28 3.50
N ASN A 51 -3.67 -13.83 2.99
CA ASN A 51 -4.41 -14.60 1.99
C ASN A 51 -4.04 -14.17 0.58
N PHE A 52 -2.76 -13.88 0.37
CA PHE A 52 -2.27 -13.45 -0.93
C PHE A 52 -1.11 -14.33 -1.40
N TYR A 53 -0.70 -14.15 -2.64
CA TYR A 53 0.40 -14.92 -3.21
C TYR A 53 0.28 -16.39 -2.82
N SER A 54 -0.95 -16.90 -2.86
CA SER A 54 -1.20 -18.29 -2.52
C SER A 54 -0.80 -19.22 -3.66
N GLY A 55 -0.65 -20.51 -3.34
CA GLY A 55 -0.25 -21.48 -4.35
C GLY A 55 0.33 -22.74 -3.75
N PRO A 56 1.07 -23.50 -4.56
CA PRO A 56 1.71 -24.75 -4.13
C PRO A 56 2.85 -24.51 -3.15
N SER A 57 3.08 -23.25 -2.82
CA SER A 57 4.16 -22.88 -1.90
C SER A 57 3.95 -23.56 -0.54
N SER A 58 5.06 -23.94 0.08
CA SER A 58 5.01 -24.61 1.38
C SER A 58 4.29 -23.73 2.41
N GLY A 59 3.87 -24.35 3.50
CA GLY A 59 3.18 -23.61 4.55
C GLY A 59 3.46 -24.17 5.93
N GLY A 1 -8.88 18.92 -15.00
CA GLY A 1 -8.00 19.56 -15.97
C GLY A 1 -6.55 19.53 -15.54
N SER A 2 -5.93 18.36 -15.60
CA SER A 2 -4.53 18.22 -15.21
C SER A 2 -3.76 17.40 -16.24
N SER A 3 -2.95 18.09 -17.04
CA SER A 3 -2.16 17.43 -18.07
C SER A 3 -0.67 17.49 -17.74
N GLY A 4 0.11 16.68 -18.43
CA GLY A 4 1.55 16.66 -18.21
C GLY A 4 1.96 15.55 -17.26
N SER A 5 2.98 14.78 -17.66
CA SER A 5 3.48 13.68 -16.85
C SER A 5 4.81 14.04 -16.20
N SER A 6 4.75 14.47 -14.94
CA SER A 6 5.95 14.85 -14.20
C SER A 6 7.00 13.73 -14.25
N GLY A 7 6.54 12.50 -14.03
CA GLY A 7 7.44 11.37 -14.06
C GLY A 7 7.03 10.29 -13.06
N MET A 8 7.09 10.61 -11.78
CA MET A 8 6.73 9.66 -10.74
C MET A 8 5.31 9.14 -10.94
N GLU A 9 4.99 8.02 -10.30
CA GLU A 9 3.66 7.43 -10.42
C GLU A 9 2.68 8.11 -9.45
N PRO A 10 1.38 7.98 -9.75
CA PRO A 10 0.32 8.57 -8.93
C PRO A 10 0.18 7.88 -7.59
N ALA A 11 0.98 8.30 -6.61
CA ALA A 11 0.94 7.72 -5.28
C ALA A 11 0.17 8.61 -4.31
N GLY A 12 0.15 8.21 -3.05
CA GLY A 12 -0.56 8.98 -2.04
C GLY A 12 0.07 8.86 -0.66
N PRO A 13 -0.32 9.77 0.25
CA PRO A 13 0.20 9.78 1.62
C PRO A 13 -0.30 8.61 2.44
N CYS A 14 0.63 7.79 2.92
CA CYS A 14 0.28 6.62 3.72
C CYS A 14 -0.71 6.99 4.83
N GLY A 15 -1.97 6.64 4.62
CA GLY A 15 -3.00 6.95 5.60
C GLY A 15 -3.02 5.95 6.74
N PHE A 16 -1.85 5.44 7.11
CA PHE A 16 -1.75 4.46 8.19
C PHE A 16 -0.69 4.90 9.21
N CYS A 17 0.07 5.93 8.86
CA CYS A 17 1.11 6.44 9.75
C CYS A 17 0.62 7.68 10.50
N PRO A 18 1.28 7.98 11.63
CA PRO A 18 0.93 9.13 12.45
C PRO A 18 1.27 10.46 11.79
N ALA A 19 0.42 11.46 11.99
CA ALA A 19 0.64 12.77 11.41
C ALA A 19 2.12 13.12 11.37
N GLY A 20 2.52 13.92 10.38
CA GLY A 20 3.91 14.31 10.25
C GLY A 20 4.77 13.20 9.69
N GLU A 21 4.71 12.03 10.31
CA GLU A 21 5.50 10.89 9.87
C GLU A 21 4.88 10.24 8.64
N VAL A 22 3.60 10.52 8.41
CA VAL A 22 2.88 9.97 7.27
C VAL A 22 3.72 10.07 6.00
N GLN A 23 4.40 8.98 5.65
CA GLN A 23 5.23 8.95 4.46
C GLN A 23 4.39 8.74 3.21
N PRO A 24 4.91 9.19 2.06
CA PRO A 24 4.22 9.06 0.77
C PRO A 24 4.16 7.61 0.28
N ALA A 25 3.00 6.98 0.47
CA ALA A 25 2.81 5.60 0.05
C ALA A 25 3.14 5.42 -1.43
N ARG A 26 4.38 5.04 -1.71
CA ARG A 26 4.81 4.83 -3.09
C ARG A 26 4.13 3.61 -3.70
N TYR A 27 3.62 2.74 -2.84
CA TYR A 27 2.94 1.52 -3.30
C TYR A 27 1.50 1.48 -2.80
N THR A 28 0.80 0.40 -3.13
CA THR A 28 -0.58 0.23 -2.72
C THR A 28 -0.98 -1.24 -2.70
N CYS A 29 -1.58 -1.67 -1.59
CA CYS A 29 -2.00 -3.06 -1.45
C CYS A 29 -2.73 -3.53 -2.71
N PRO A 30 -2.12 -4.50 -3.42
CA PRO A 30 -2.70 -5.07 -4.64
C PRO A 30 -3.93 -5.91 -4.37
N ARG A 31 -4.42 -5.86 -3.13
CA ARG A 31 -5.59 -6.62 -2.74
C ARG A 31 -6.72 -5.70 -2.30
N CYS A 32 -6.38 -4.72 -1.47
CA CYS A 32 -7.36 -3.77 -0.97
C CYS A 32 -7.05 -2.36 -1.46
N ASN A 33 -6.01 -2.24 -2.28
CA ASN A 33 -5.60 -0.94 -2.83
C ASN A 33 -5.32 0.05 -1.69
N ALA A 34 -4.47 -0.34 -0.77
CA ALA A 34 -4.12 0.52 0.36
C ALA A 34 -2.72 1.09 0.19
N PRO A 35 -2.64 2.42 0.05
CA PRO A 35 -1.36 3.13 -0.13
C PRO A 35 -0.53 3.14 1.15
N TYR A 36 0.47 2.26 1.19
CA TYR A 36 1.34 2.16 2.36
C TYR A 36 2.71 2.76 2.06
N CYS A 37 3.38 3.22 3.12
CA CYS A 37 4.71 3.82 2.97
C CYS A 37 5.77 2.74 2.80
N SER A 38 5.65 1.66 3.56
CA SER A 38 6.61 0.57 3.49
C SER A 38 5.96 -0.74 3.91
N LEU A 39 6.70 -1.84 3.75
CA LEU A 39 6.20 -3.16 4.12
C LEU A 39 5.57 -3.14 5.50
N ARG A 40 6.25 -2.51 6.45
CA ARG A 40 5.75 -2.42 7.82
C ARG A 40 4.24 -2.17 7.84
N CYS A 41 3.84 -1.02 7.29
CA CYS A 41 2.43 -0.65 7.24
C CYS A 41 1.64 -1.64 6.39
N TYR A 42 2.19 -1.95 5.21
CA TYR A 42 1.53 -2.88 4.29
C TYR A 42 0.96 -4.07 5.04
N ARG A 43 1.56 -4.39 6.19
CA ARG A 43 1.11 -5.52 7.00
C ARG A 43 0.20 -5.04 8.13
N THR A 44 0.50 -3.88 8.69
CA THR A 44 -0.29 -3.31 9.77
C THR A 44 -1.65 -2.84 9.27
N HIS A 45 -1.63 -1.98 8.26
CA HIS A 45 -2.86 -1.44 7.68
C HIS A 45 -3.98 -2.49 7.73
N GLY A 46 -3.64 -3.74 7.41
CA GLY A 46 -4.62 -4.80 7.43
C GLY A 46 -4.02 -6.14 7.07
N THR A 47 -4.83 -7.20 7.19
CA THR A 47 -4.37 -8.55 6.88
C THR A 47 -4.84 -8.98 5.50
N CYS A 48 -4.07 -8.61 4.48
CA CYS A 48 -4.41 -8.97 3.10
C CYS A 48 -3.44 -10.00 2.55
N ALA A 49 -2.16 -9.81 2.82
CA ALA A 49 -1.13 -10.73 2.35
C ALA A 49 -1.52 -12.18 2.65
N GLU A 50 -2.14 -12.39 3.81
CA GLU A 50 -2.56 -13.73 4.21
C GLU A 50 -3.25 -14.45 3.06
N ASN A 51 -4.15 -13.74 2.38
CA ASN A 51 -4.89 -14.32 1.26
C ASN A 51 -4.42 -13.72 -0.06
N PHE A 52 -3.12 -13.53 -0.18
CA PHE A 52 -2.53 -12.96 -1.40
C PHE A 52 -1.67 -14.00 -2.13
N TYR A 53 -0.74 -14.60 -1.40
CA TYR A 53 0.15 -15.60 -1.98
C TYR A 53 -0.56 -16.95 -2.11
N SER A 54 0.07 -17.88 -2.81
CA SER A 54 -0.50 -19.20 -3.02
C SER A 54 0.44 -20.28 -2.49
N GLY A 55 -0.03 -21.04 -1.51
CA GLY A 55 0.78 -22.10 -0.93
C GLY A 55 0.08 -23.44 -0.96
N PRO A 56 -0.28 -23.95 0.23
CA PRO A 56 -0.96 -25.24 0.37
C PRO A 56 -2.40 -25.19 -0.14
N SER A 57 -3.12 -26.29 0.03
CA SER A 57 -4.51 -26.37 -0.42
C SER A 57 -5.45 -25.73 0.59
N SER A 58 -6.70 -25.53 0.18
CA SER A 58 -7.69 -24.92 1.05
C SER A 58 -9.00 -25.71 1.02
N GLY A 59 -9.29 -26.41 2.11
CA GLY A 59 -10.51 -27.20 2.18
C GLY A 59 -11.73 -26.43 1.70
N GLY A 1 -6.29 13.24 -10.85
CA GLY A 1 -6.95 14.24 -10.03
C GLY A 1 -6.08 14.71 -8.87
N SER A 2 -5.51 15.89 -9.02
CA SER A 2 -4.64 16.46 -7.99
C SER A 2 -4.28 17.90 -8.31
N SER A 3 -3.52 18.52 -7.41
CA SER A 3 -3.10 19.91 -7.60
C SER A 3 -1.60 19.99 -7.86
N GLY A 4 -1.25 20.49 -9.05
CA GLY A 4 0.16 20.61 -9.40
C GLY A 4 0.79 19.28 -9.74
N SER A 5 1.73 19.29 -10.67
CA SER A 5 2.42 18.07 -11.08
C SER A 5 3.61 17.78 -10.18
N SER A 6 3.57 16.62 -9.50
CA SER A 6 4.64 16.24 -8.59
C SER A 6 4.82 14.72 -8.60
N GLY A 7 5.91 14.26 -9.19
CA GLY A 7 6.18 12.83 -9.24
C GLY A 7 5.99 12.25 -10.63
N MET A 8 6.61 11.10 -10.89
CA MET A 8 6.50 10.45 -12.18
C MET A 8 5.69 9.17 -12.08
N GLU A 9 5.60 8.62 -10.88
CA GLU A 9 4.84 7.40 -10.65
C GLU A 9 3.62 7.66 -9.76
N PRO A 10 2.53 6.93 -10.03
CA PRO A 10 1.29 7.07 -9.27
C PRO A 10 1.41 6.53 -7.84
N ALA A 11 1.28 7.42 -6.86
CA ALA A 11 1.37 7.03 -5.46
C ALA A 11 0.51 7.92 -4.59
N GLY A 12 0.35 7.53 -3.32
CA GLY A 12 -0.46 8.30 -2.40
C GLY A 12 0.12 8.33 -1.00
N PRO A 13 -0.34 9.29 -0.18
CA PRO A 13 0.12 9.43 1.20
C PRO A 13 -0.35 8.30 2.10
N CYS A 14 0.59 7.59 2.72
CA CYS A 14 0.27 6.48 3.60
C CYS A 14 -0.70 6.92 4.69
N GLY A 15 -1.98 6.62 4.49
CA GLY A 15 -2.98 6.99 5.47
C GLY A 15 -3.03 6.03 6.65
N PHE A 16 -1.88 5.52 7.04
CA PHE A 16 -1.80 4.58 8.15
C PHE A 16 -0.79 5.06 9.19
N CYS A 17 0.13 5.92 8.77
CA CYS A 17 1.14 6.46 9.67
C CYS A 17 0.59 7.61 10.50
N PRO A 18 1.29 7.96 11.58
CA PRO A 18 0.89 9.06 12.47
C PRO A 18 1.05 10.42 11.83
N ALA A 19 0.32 11.41 12.34
CA ALA A 19 0.39 12.76 11.82
C ALA A 19 1.81 13.30 11.84
N GLY A 20 2.46 13.31 10.68
CA GLY A 20 3.82 13.79 10.59
C GLY A 20 4.75 12.81 9.90
N GLU A 21 4.54 11.52 10.15
CA GLU A 21 5.37 10.49 9.54
C GLU A 21 4.58 9.72 8.48
N VAL A 22 3.74 10.45 7.74
CA VAL A 22 2.92 9.84 6.70
C VAL A 22 3.66 9.85 5.36
N GLN A 23 4.74 9.09 5.27
CA GLN A 23 5.53 9.02 4.05
C GLN A 23 4.65 8.73 2.84
N PRO A 24 5.11 9.13 1.66
CA PRO A 24 4.37 8.93 0.41
C PRO A 24 4.33 7.47 0.00
N ALA A 25 3.19 6.83 0.26
CA ALA A 25 3.00 5.42 -0.09
C ALA A 25 3.25 5.18 -1.57
N ARG A 26 4.49 4.81 -1.91
CA ARG A 26 4.85 4.55 -3.29
C ARG A 26 4.12 3.33 -3.84
N TYR A 27 3.87 2.36 -2.96
CA TYR A 27 3.18 1.14 -3.36
C TYR A 27 1.74 1.15 -2.85
N THR A 28 1.04 0.03 -3.05
CA THR A 28 -0.34 -0.10 -2.62
C THR A 28 -0.77 -1.55 -2.54
N CYS A 29 -1.64 -1.86 -1.59
CA CYS A 29 -2.13 -3.23 -1.41
C CYS A 29 -2.87 -3.70 -2.65
N PRO A 30 -2.36 -4.78 -3.28
CA PRO A 30 -2.96 -5.36 -4.49
C PRO A 30 -4.29 -6.04 -4.19
N ARG A 31 -4.72 -5.97 -2.94
CA ARG A 31 -5.98 -6.59 -2.54
C ARG A 31 -7.01 -5.52 -2.14
N CYS A 32 -6.58 -4.57 -1.32
CA CYS A 32 -7.46 -3.50 -0.87
C CYS A 32 -6.92 -2.14 -1.30
N ASN A 33 -6.17 -2.12 -2.40
CA ASN A 33 -5.60 -0.89 -2.93
C ASN A 33 -5.28 0.08 -1.79
N ALA A 34 -4.49 -0.38 -0.83
CA ALA A 34 -4.11 0.45 0.31
C ALA A 34 -2.68 0.94 0.18
N PRO A 35 -2.52 2.26 0.02
CA PRO A 35 -1.20 2.89 -0.12
C PRO A 35 -0.39 2.84 1.17
N TYR A 36 0.68 2.05 1.17
CA TYR A 36 1.53 1.92 2.34
C TYR A 36 2.92 2.47 2.07
N CYS A 37 3.49 3.15 3.06
CA CYS A 37 4.82 3.73 2.93
C CYS A 37 5.89 2.63 2.84
N SER A 38 5.80 1.65 3.73
CA SER A 38 6.74 0.55 3.75
C SER A 38 6.07 -0.74 4.19
N LEU A 39 6.62 -1.87 3.76
CA LEU A 39 6.07 -3.18 4.11
C LEU A 39 5.50 -3.17 5.53
N ARG A 40 6.15 -2.43 6.41
CA ARG A 40 5.70 -2.33 7.80
C ARG A 40 4.22 -2.00 7.87
N CYS A 41 3.83 -0.92 7.20
CA CYS A 41 2.43 -0.50 7.19
C CYS A 41 1.58 -1.44 6.34
N TYR A 42 2.18 -1.99 5.28
CA TYR A 42 1.49 -2.90 4.39
C TYR A 42 0.89 -4.08 5.17
N ARG A 43 1.53 -4.42 6.28
CA ARG A 43 1.08 -5.52 7.12
C ARG A 43 0.15 -5.02 8.23
N THR A 44 0.46 -3.84 8.76
CA THR A 44 -0.34 -3.24 9.82
C THR A 44 -1.71 -2.82 9.31
N HIS A 45 -1.71 -1.98 8.28
CA HIS A 45 -2.96 -1.49 7.69
C HIS A 45 -4.04 -2.56 7.76
N GLY A 46 -3.74 -3.74 7.22
CA GLY A 46 -4.71 -4.83 7.24
C GLY A 46 -4.08 -6.15 6.86
N THR A 47 -4.87 -7.22 6.96
CA THR A 47 -4.38 -8.56 6.63
C THR A 47 -4.87 -8.99 5.25
N CYS A 48 -4.13 -8.61 4.22
CA CYS A 48 -4.49 -8.97 2.85
C CYS A 48 -3.41 -9.83 2.21
N ALA A 49 -2.18 -9.71 2.71
CA ALA A 49 -1.06 -10.49 2.20
C ALA A 49 -1.17 -11.95 2.61
N GLU A 50 -1.80 -12.20 3.76
CA GLU A 50 -1.97 -13.55 4.27
C GLU A 50 -2.61 -14.45 3.21
N ASN A 51 -3.71 -13.98 2.62
CA ASN A 51 -4.40 -14.74 1.59
C ASN A 51 -3.92 -14.37 0.20
N PHE A 52 -2.62 -14.05 0.10
CA PHE A 52 -2.03 -13.68 -1.17
C PHE A 52 -0.82 -14.56 -1.48
N TYR A 53 -1.09 -15.75 -2.00
CA TYR A 53 -0.04 -16.70 -2.35
C TYR A 53 -0.33 -17.37 -3.69
N SER A 54 0.65 -17.30 -4.60
CA SER A 54 0.50 -17.90 -5.92
C SER A 54 1.47 -19.05 -6.10
N GLY A 55 1.61 -19.88 -5.07
CA GLY A 55 2.50 -21.01 -5.14
C GLY A 55 1.78 -22.34 -4.98
N PRO A 56 2.56 -23.43 -4.92
CA PRO A 56 2.00 -24.78 -4.77
C PRO A 56 1.40 -25.01 -3.39
N SER A 57 1.58 -24.04 -2.50
CA SER A 57 1.06 -24.14 -1.14
C SER A 57 0.83 -22.74 -0.55
N SER A 58 -0.16 -22.63 0.33
CA SER A 58 -0.48 -21.37 0.97
C SER A 58 -0.70 -21.56 2.47
N GLY A 59 0.40 -21.54 3.23
CA GLY A 59 0.32 -21.71 4.67
C GLY A 59 0.90 -23.02 5.14
N GLY A 1 -5.10 22.51 -1.93
CA GLY A 1 -4.97 21.45 -2.92
C GLY A 1 -4.05 21.85 -4.06
N SER A 2 -2.78 22.12 -3.74
CA SER A 2 -1.81 22.52 -4.75
C SER A 2 -0.56 21.64 -4.67
N SER A 3 0.01 21.33 -5.82
CA SER A 3 1.21 20.50 -5.89
C SER A 3 2.32 21.20 -6.66
N GLY A 4 3.51 20.61 -6.63
CA GLY A 4 4.63 21.20 -7.34
C GLY A 4 5.54 20.15 -7.96
N SER A 5 5.00 19.41 -8.92
CA SER A 5 5.77 18.37 -9.60
C SER A 5 5.14 18.02 -10.95
N SER A 6 5.92 18.20 -12.01
CA SER A 6 5.45 17.91 -13.36
C SER A 6 5.54 16.42 -13.67
N GLY A 7 6.72 15.85 -13.42
CA GLY A 7 6.93 14.44 -13.67
C GLY A 7 6.84 13.60 -12.41
N MET A 8 5.65 13.52 -11.83
CA MET A 8 5.44 12.75 -10.61
C MET A 8 4.91 11.36 -10.93
N GLU A 9 5.09 10.43 -9.99
CA GLU A 9 4.62 9.06 -10.18
C GLU A 9 3.29 8.83 -9.45
N PRO A 10 2.53 7.84 -9.92
CA PRO A 10 1.23 7.49 -9.34
C PRO A 10 1.37 6.86 -7.96
N ALA A 11 0.86 7.55 -6.94
CA ALA A 11 0.92 7.05 -5.57
C ALA A 11 0.09 7.91 -4.64
N GLY A 12 0.14 7.60 -3.34
CA GLY A 12 -0.61 8.36 -2.37
C GLY A 12 0.08 8.44 -1.02
N PRO A 13 -0.24 9.47 -0.24
CA PRO A 13 0.36 9.68 1.09
C PRO A 13 -0.11 8.64 2.10
N CYS A 14 0.81 7.76 2.51
CA CYS A 14 0.48 6.72 3.49
C CYS A 14 -0.24 7.31 4.70
N GLY A 15 -1.54 7.08 4.77
CA GLY A 15 -2.33 7.59 5.87
C GLY A 15 -2.24 6.71 7.11
N PHE A 16 -2.01 5.42 6.89
CA PHE A 16 -1.91 4.47 7.99
C PHE A 16 -0.90 4.95 9.03
N CYS A 17 0.09 5.71 8.57
CA CYS A 17 1.12 6.24 9.47
C CYS A 17 0.51 7.19 10.50
N PRO A 18 1.21 7.37 11.63
CA PRO A 18 0.76 8.25 12.71
C PRO A 18 0.83 9.72 12.32
N ALA A 19 -0.20 10.48 12.68
CA ALA A 19 -0.25 11.90 12.36
C ALA A 19 1.13 12.52 12.44
N GLY A 20 1.52 13.23 11.38
CA GLY A 20 2.82 13.87 11.33
C GLY A 20 3.83 13.07 10.53
N GLU A 21 3.88 11.76 10.77
CA GLU A 21 4.81 10.89 10.07
C GLU A 21 4.21 10.42 8.74
N VAL A 22 3.58 11.34 8.03
CA VAL A 22 2.96 11.01 6.75
C VAL A 22 4.02 10.91 5.65
N GLN A 23 4.11 9.73 5.04
CA GLN A 23 5.06 9.50 3.96
C GLN A 23 4.36 9.14 2.66
N PRO A 24 5.02 9.41 1.52
CA PRO A 24 4.48 9.12 0.20
C PRO A 24 4.40 7.62 -0.09
N ALA A 25 3.22 7.05 0.04
CA ALA A 25 3.01 5.64 -0.21
C ALA A 25 3.26 5.29 -1.68
N ARG A 26 4.50 4.92 -1.99
CA ARG A 26 4.87 4.56 -3.35
C ARG A 26 4.23 3.25 -3.77
N TYR A 27 3.89 2.43 -2.77
CA TYR A 27 3.27 1.13 -3.04
C TYR A 27 1.80 1.14 -2.62
N THR A 28 1.12 0.02 -2.87
CA THR A 28 -0.29 -0.11 -2.52
C THR A 28 -0.71 -1.57 -2.46
N CYS A 29 -1.52 -1.91 -1.47
CA CYS A 29 -2.00 -3.28 -1.30
C CYS A 29 -2.81 -3.72 -2.51
N PRO A 30 -2.30 -4.74 -3.22
CA PRO A 30 -2.97 -5.27 -4.42
C PRO A 30 -4.25 -6.03 -4.07
N ARG A 31 -4.64 -5.97 -2.80
CA ARG A 31 -5.85 -6.65 -2.34
C ARG A 31 -6.91 -5.64 -1.92
N CYS A 32 -6.47 -4.52 -1.35
CA CYS A 32 -7.38 -3.48 -0.90
C CYS A 32 -6.88 -2.10 -1.31
N ASN A 33 -6.13 -2.06 -2.41
CA ASN A 33 -5.58 -0.80 -2.91
C ASN A 33 -5.27 0.15 -1.76
N ALA A 34 -4.46 -0.32 -0.81
CA ALA A 34 -4.08 0.49 0.34
C ALA A 34 -2.66 1.03 0.18
N PRO A 35 -2.55 2.34 -0.03
CA PRO A 35 -1.26 3.02 -0.20
C PRO A 35 -0.45 3.06 1.09
N TYR A 36 0.64 2.31 1.13
CA TYR A 36 1.50 2.26 2.32
C TYR A 36 2.91 2.73 1.98
N CYS A 37 3.55 3.38 2.94
CA CYS A 37 4.91 3.88 2.76
C CYS A 37 5.90 2.73 2.60
N SER A 38 5.81 1.77 3.50
CA SER A 38 6.70 0.60 3.47
C SER A 38 5.95 -0.67 3.84
N LEU A 39 6.68 -1.78 3.94
CA LEU A 39 6.09 -3.06 4.29
C LEU A 39 5.48 -3.02 5.69
N ARG A 40 6.18 -2.37 6.62
CA ARG A 40 5.73 -2.25 8.00
C ARG A 40 4.24 -1.86 8.04
N CYS A 41 3.85 -0.98 7.13
CA CYS A 41 2.47 -0.53 7.06
C CYS A 41 1.62 -1.47 6.21
N TYR A 42 2.28 -2.23 5.34
CA TYR A 42 1.59 -3.16 4.46
C TYR A 42 1.01 -4.33 5.25
N ARG A 43 1.58 -4.57 6.43
CA ARG A 43 1.11 -5.66 7.29
C ARG A 43 0.17 -5.14 8.36
N THR A 44 0.40 -3.90 8.79
CA THR A 44 -0.43 -3.28 9.82
C THR A 44 -1.78 -2.83 9.25
N HIS A 45 -1.72 -2.00 8.21
CA HIS A 45 -2.93 -1.50 7.56
C HIS A 45 -4.04 -2.55 7.60
N GLY A 46 -3.74 -3.74 7.09
CA GLY A 46 -4.73 -4.82 7.07
C GLY A 46 -4.10 -6.15 6.74
N THR A 47 -4.83 -7.23 7.04
CA THR A 47 -4.35 -8.58 6.78
C THR A 47 -4.84 -9.08 5.42
N CYS A 48 -4.18 -8.65 4.36
CA CYS A 48 -4.54 -9.07 3.01
C CYS A 48 -3.45 -9.92 2.38
N ALA A 49 -2.24 -9.80 2.91
CA ALA A 49 -1.10 -10.56 2.41
C ALA A 49 -1.05 -11.95 3.03
N GLU A 50 -2.23 -12.54 3.24
CA GLU A 50 -2.31 -13.88 3.83
C GLU A 50 -2.83 -14.89 2.81
N ASN A 51 -3.60 -14.40 1.85
CA ASN A 51 -4.16 -15.27 0.81
C ASN A 51 -3.97 -14.66 -0.57
N PHE A 52 -2.87 -13.95 -0.75
CA PHE A 52 -2.56 -13.31 -2.03
C PHE A 52 -1.34 -13.95 -2.68
N TYR A 53 -0.25 -14.06 -1.91
CA TYR A 53 0.98 -14.65 -2.42
C TYR A 53 0.76 -16.10 -2.83
N SER A 54 1.61 -16.59 -3.72
CA SER A 54 1.51 -17.96 -4.20
C SER A 54 2.16 -18.93 -3.22
N GLY A 55 1.34 -19.80 -2.63
CA GLY A 55 1.86 -20.78 -1.67
C GLY A 55 1.60 -22.20 -2.11
N PRO A 56 1.97 -23.15 -1.24
CA PRO A 56 1.79 -24.59 -1.52
C PRO A 56 0.32 -25.00 -1.52
N SER A 57 0.07 -26.28 -1.76
CA SER A 57 -1.29 -26.80 -1.80
C SER A 57 -1.58 -27.66 -0.57
N SER A 58 -1.18 -27.16 0.59
CA SER A 58 -1.40 -27.88 1.84
C SER A 58 -2.68 -27.43 2.52
N GLY A 59 -3.31 -26.40 1.96
CA GLY A 59 -4.55 -25.89 2.52
C GLY A 59 -5.32 -25.04 1.54
N GLY A 1 -3.75 10.87 -16.24
CA GLY A 1 -2.30 10.73 -16.22
C GLY A 1 -1.59 12.00 -16.64
N SER A 2 -0.78 12.54 -15.75
CA SER A 2 -0.04 13.77 -16.03
C SER A 2 1.10 13.50 -17.00
N SER A 3 1.89 12.47 -16.72
CA SER A 3 3.03 12.11 -17.57
C SER A 3 2.92 10.66 -18.03
N GLY A 4 3.74 10.30 -19.02
CA GLY A 4 3.71 8.95 -19.53
C GLY A 4 3.44 7.92 -18.46
N SER A 5 2.74 6.85 -18.82
CA SER A 5 2.41 5.79 -17.88
C SER A 5 3.58 4.83 -17.71
N SER A 6 4.78 5.39 -17.63
CA SER A 6 5.99 4.58 -17.46
C SER A 6 6.99 5.27 -16.55
N GLY A 7 7.41 4.56 -15.50
CA GLY A 7 8.36 5.12 -14.56
C GLY A 7 7.69 5.84 -13.41
N MET A 8 6.96 6.92 -13.73
CA MET A 8 6.27 7.70 -12.72
C MET A 8 5.04 6.95 -12.19
N GLU A 9 5.12 6.48 -10.95
CA GLU A 9 4.03 5.74 -10.33
C GLU A 9 3.19 6.66 -9.46
N PRO A 10 1.87 6.65 -9.69
CA PRO A 10 0.92 7.47 -8.93
C PRO A 10 0.76 6.99 -7.49
N ALA A 11 1.71 7.40 -6.63
CA ALA A 11 1.67 7.02 -5.23
C ALA A 11 0.81 7.99 -4.42
N GLY A 12 0.55 7.63 -3.17
CA GLY A 12 -0.27 8.48 -2.31
C GLY A 12 0.30 8.60 -0.91
N PRO A 13 -0.17 9.61 -0.16
CA PRO A 13 0.28 9.86 1.21
C PRO A 13 -0.19 8.79 2.18
N CYS A 14 0.74 7.97 2.66
CA CYS A 14 0.42 6.91 3.61
C CYS A 14 -0.28 7.47 4.84
N GLY A 15 -1.57 7.19 4.96
CA GLY A 15 -2.34 7.67 6.09
C GLY A 15 -2.19 6.78 7.31
N PHE A 16 -2.14 5.47 7.08
CA PHE A 16 -1.99 4.51 8.17
C PHE A 16 -1.01 5.01 9.21
N CYS A 17 0.04 5.67 8.75
CA CYS A 17 1.07 6.20 9.63
C CYS A 17 0.48 7.20 10.62
N PRO A 18 1.14 7.38 11.77
CA PRO A 18 0.70 8.31 12.81
C PRO A 18 0.84 9.77 12.38
N ALA A 19 -0.15 10.58 12.72
CA ALA A 19 -0.13 11.99 12.37
C ALA A 19 1.28 12.56 12.43
N GLY A 20 1.71 13.18 11.33
CA GLY A 20 3.05 13.75 11.29
C GLY A 20 4.03 12.86 10.56
N GLU A 21 3.98 11.55 10.86
CA GLU A 21 4.88 10.60 10.24
C GLU A 21 4.33 10.12 8.90
N VAL A 22 3.81 11.06 8.10
CA VAL A 22 3.26 10.75 6.80
C VAL A 22 4.36 10.49 5.78
N GLN A 23 4.38 9.26 5.25
CA GLN A 23 5.38 8.88 4.26
C GLN A 23 4.74 8.61 2.91
N PRO A 24 5.53 8.72 1.84
CA PRO A 24 5.06 8.50 0.47
C PRO A 24 4.74 7.03 0.20
N ALA A 25 3.46 6.73 0.07
CA ALA A 25 3.02 5.36 -0.19
C ALA A 25 3.35 4.94 -1.62
N ARG A 26 4.64 4.79 -1.90
CA ARG A 26 5.09 4.39 -3.23
C ARG A 26 4.42 3.09 -3.66
N TYR A 27 4.05 2.26 -2.69
CA TYR A 27 3.40 0.99 -2.98
C TYR A 27 1.93 1.03 -2.56
N THR A 28 1.23 -0.07 -2.83
CA THR A 28 -0.19 -0.16 -2.49
C THR A 28 -0.64 -1.62 -2.42
N CYS A 29 -1.54 -1.91 -1.49
CA CYS A 29 -2.05 -3.27 -1.32
C CYS A 29 -2.82 -3.72 -2.56
N PRO A 30 -2.28 -4.73 -3.25
CA PRO A 30 -2.88 -5.28 -4.47
C PRO A 30 -4.17 -6.04 -4.17
N ARG A 31 -4.60 -6.01 -2.92
CA ARG A 31 -5.82 -6.70 -2.51
C ARG A 31 -6.89 -5.70 -2.07
N CYS A 32 -6.45 -4.60 -1.46
CA CYS A 32 -7.36 -3.58 -0.99
C CYS A 32 -6.86 -2.19 -1.39
N ASN A 33 -6.09 -2.12 -2.47
CA ASN A 33 -5.55 -0.86 -2.95
C ASN A 33 -5.25 0.08 -1.80
N ALA A 34 -4.45 -0.39 -0.84
CA ALA A 34 -4.09 0.41 0.31
C ALA A 34 -2.65 0.94 0.19
N PRO A 35 -2.52 2.27 0.07
CA PRO A 35 -1.22 2.92 -0.06
C PRO A 35 -0.40 2.86 1.23
N TYR A 36 0.68 2.10 1.20
CA TYR A 36 1.54 1.96 2.37
C TYR A 36 2.95 2.44 2.08
N CYS A 37 3.50 3.25 2.98
CA CYS A 37 4.85 3.77 2.81
C CYS A 37 5.87 2.65 2.71
N SER A 38 5.78 1.69 3.63
CA SER A 38 6.71 0.56 3.64
C SER A 38 5.98 -0.72 4.07
N LEU A 39 6.59 -1.86 3.77
CA LEU A 39 6.01 -3.15 4.13
C LEU A 39 5.42 -3.11 5.53
N ARG A 40 6.06 -2.37 6.42
CA ARG A 40 5.59 -2.24 7.79
C ARG A 40 4.09 -1.95 7.83
N CYS A 41 3.69 -0.86 7.18
CA CYS A 41 2.29 -0.47 7.14
C CYS A 41 1.46 -1.46 6.33
N TYR A 42 2.06 -1.98 5.27
CA TYR A 42 1.38 -2.95 4.41
C TYR A 42 0.85 -4.14 5.22
N ARG A 43 1.54 -4.43 6.33
CA ARG A 43 1.14 -5.54 7.20
C ARG A 43 0.23 -5.04 8.31
N THR A 44 0.46 -3.82 8.77
CA THR A 44 -0.33 -3.24 9.84
C THR A 44 -1.71 -2.82 9.33
N HIS A 45 -1.73 -1.95 8.34
CA HIS A 45 -2.99 -1.47 7.76
C HIS A 45 -4.05 -2.56 7.80
N GLY A 46 -3.72 -3.72 7.23
CA GLY A 46 -4.66 -4.83 7.21
C GLY A 46 -4.01 -6.12 6.76
N THR A 47 -4.48 -7.24 7.31
CA THR A 47 -3.93 -8.55 6.96
C THR A 47 -4.51 -9.04 5.64
N CYS A 48 -3.96 -8.54 4.53
CA CYS A 48 -4.42 -8.93 3.21
C CYS A 48 -3.44 -9.90 2.56
N ALA A 49 -2.15 -9.66 2.78
CA ALA A 49 -1.11 -10.52 2.22
C ALA A 49 -1.49 -11.99 2.33
N GLU A 50 -2.00 -12.37 3.49
CA GLU A 50 -2.39 -13.76 3.73
C GLU A 50 -3.29 -14.27 2.61
N ASN A 51 -4.26 -13.44 2.22
CA ASN A 51 -5.20 -13.81 1.16
C ASN A 51 -4.52 -13.73 -0.20
N PHE A 52 -3.81 -12.63 -0.44
CA PHE A 52 -3.12 -12.42 -1.71
C PHE A 52 -2.60 -13.75 -2.26
N TYR A 53 -1.68 -14.36 -1.52
CA TYR A 53 -1.08 -15.63 -1.93
C TYR A 53 -1.91 -16.81 -1.43
N SER A 54 -1.58 -18.00 -1.90
CA SER A 54 -2.29 -19.20 -1.50
C SER A 54 -1.34 -20.27 -1.01
N GLY A 55 -0.23 -20.45 -1.74
CA GLY A 55 0.75 -21.45 -1.36
C GLY A 55 0.13 -22.68 -0.72
N PRO A 56 0.48 -22.92 0.55
CA PRO A 56 -0.04 -24.08 1.30
C PRO A 56 -1.52 -23.93 1.63
N SER A 57 -2.36 -24.59 0.83
CA SER A 57 -3.81 -24.53 1.04
C SER A 57 -4.22 -25.37 2.25
N SER A 58 -4.89 -24.73 3.20
CA SER A 58 -5.34 -25.41 4.41
C SER A 58 -6.53 -26.32 4.12
N GLY A 59 -7.50 -25.78 3.38
CA GLY A 59 -8.68 -26.55 3.03
C GLY A 59 -9.51 -25.89 1.95
N GLY A 1 -0.41 18.90 -26.59
CA GLY A 1 -0.39 19.18 -25.16
C GLY A 1 0.33 18.10 -24.37
N SER A 2 1.07 18.53 -23.34
CA SER A 2 1.82 17.59 -22.52
C SER A 2 1.00 17.19 -21.29
N SER A 3 0.87 15.88 -21.08
CA SER A 3 0.10 15.35 -19.96
C SER A 3 1.03 14.69 -18.94
N GLY A 4 1.96 13.88 -19.44
CA GLY A 4 2.89 13.20 -18.57
C GLY A 4 3.22 11.80 -19.05
N SER A 5 4.50 11.52 -19.24
CA SER A 5 4.94 10.20 -19.71
C SER A 5 4.82 9.17 -18.61
N SER A 6 4.76 7.90 -18.99
CA SER A 6 4.64 6.81 -18.03
C SER A 6 5.76 6.87 -17.00
N GLY A 7 5.58 6.14 -15.90
CA GLY A 7 6.59 6.14 -14.85
C GLY A 7 6.36 7.22 -13.81
N MET A 8 6.80 6.96 -12.59
CA MET A 8 6.64 7.93 -11.50
C MET A 8 5.17 8.19 -11.22
N GLU A 9 4.35 7.14 -11.32
CA GLU A 9 2.91 7.26 -11.08
C GLU A 9 2.65 8.07 -9.81
N PRO A 10 1.48 8.73 -9.78
CA PRO A 10 1.08 9.55 -8.63
C PRO A 10 0.75 8.70 -7.40
N ALA A 11 1.67 8.70 -6.44
CA ALA A 11 1.48 7.94 -5.21
C ALA A 11 0.58 8.68 -4.23
N GLY A 12 0.41 8.12 -3.04
CA GLY A 12 -0.44 8.75 -2.04
C GLY A 12 0.22 8.74 -0.66
N PRO A 13 -0.20 9.70 0.18
CA PRO A 13 0.34 9.83 1.54
C PRO A 13 -0.12 8.69 2.45
N CYS A 14 0.82 7.84 2.84
CA CYS A 14 0.51 6.72 3.72
C CYS A 14 -0.44 7.13 4.84
N GLY A 15 -1.73 6.91 4.63
CA GLY A 15 -2.71 7.27 5.63
C GLY A 15 -2.88 6.21 6.70
N PHE A 16 -1.76 5.63 7.13
CA PHE A 16 -1.77 4.58 8.15
C PHE A 16 -0.77 4.89 9.26
N CYS A 17 0.29 5.62 8.91
CA CYS A 17 1.32 5.99 9.86
C CYS A 17 0.81 7.04 10.84
N PRO A 18 1.52 7.19 11.98
CA PRO A 18 1.15 8.17 13.02
C PRO A 18 1.39 9.60 12.57
N ALA A 19 0.48 10.50 12.95
CA ALA A 19 0.60 11.90 12.58
C ALA A 19 2.06 12.34 12.54
N GLY A 20 2.39 13.19 11.58
CA GLY A 20 3.76 13.67 11.44
C GLY A 20 4.64 12.70 10.70
N GLU A 21 4.57 11.43 11.06
CA GLU A 21 5.37 10.39 10.42
C GLU A 21 4.88 10.13 9.00
N VAL A 22 3.68 10.64 8.68
CA VAL A 22 3.10 10.45 7.36
C VAL A 22 4.18 10.42 6.28
N GLN A 23 4.22 9.32 5.53
CA GLN A 23 5.20 9.17 4.46
C GLN A 23 4.50 8.95 3.12
N PRO A 24 5.23 9.24 2.03
CA PRO A 24 4.71 9.09 0.67
C PRO A 24 4.53 7.62 0.28
N ALA A 25 3.29 7.16 0.34
CA ALA A 25 2.98 5.77 -0.02
C ALA A 25 3.23 5.51 -1.49
N ARG A 26 4.46 5.16 -1.83
CA ARG A 26 4.83 4.89 -3.22
C ARG A 26 4.19 3.60 -3.70
N TYR A 27 3.88 2.70 -2.77
CA TYR A 27 3.27 1.43 -3.10
C TYR A 27 1.80 1.40 -2.67
N THR A 28 1.15 0.26 -2.89
CA THR A 28 -0.26 0.11 -2.53
C THR A 28 -0.65 -1.36 -2.45
N CYS A 29 -1.48 -1.71 -1.48
CA CYS A 29 -1.93 -3.08 -1.31
C CYS A 29 -2.74 -3.55 -2.51
N PRO A 30 -2.20 -4.53 -3.25
CA PRO A 30 -2.87 -5.08 -4.43
C PRO A 30 -4.11 -5.89 -4.09
N ARG A 31 -4.50 -5.83 -2.82
CA ARG A 31 -5.68 -6.56 -2.35
C ARG A 31 -6.80 -5.60 -1.96
N CYS A 32 -6.41 -4.46 -1.38
CA CYS A 32 -7.38 -3.46 -0.96
C CYS A 32 -6.93 -2.06 -1.37
N ASN A 33 -6.14 -2.00 -2.43
CA ASN A 33 -5.63 -0.72 -2.93
C ASN A 33 -5.33 0.24 -1.78
N ALA A 34 -4.52 -0.21 -0.84
CA ALA A 34 -4.15 0.60 0.31
C ALA A 34 -2.72 1.14 0.18
N PRO A 35 -2.61 2.47 0.02
CA PRO A 35 -1.32 3.14 -0.14
C PRO A 35 -0.52 3.13 1.17
N TYR A 36 0.58 2.38 1.16
CA TYR A 36 1.44 2.28 2.34
C TYR A 36 2.84 2.79 2.04
N CYS A 37 3.48 3.38 3.05
CA CYS A 37 4.83 3.92 2.89
C CYS A 37 5.84 2.78 2.70
N SER A 38 5.69 1.73 3.48
CA SER A 38 6.59 0.58 3.41
C SER A 38 5.88 -0.70 3.83
N LEU A 39 6.61 -1.81 3.82
CA LEU A 39 6.05 -3.10 4.21
C LEU A 39 5.44 -3.04 5.61
N ARG A 40 6.18 -2.43 6.53
CA ARG A 40 5.72 -2.30 7.90
C ARG A 40 4.23 -1.97 7.95
N CYS A 41 3.80 -1.07 7.08
CA CYS A 41 2.40 -0.68 7.02
C CYS A 41 1.57 -1.69 6.22
N TYR A 42 2.19 -2.27 5.19
CA TYR A 42 1.52 -3.25 4.36
C TYR A 42 0.96 -4.39 5.20
N ARG A 43 1.56 -4.61 6.37
CA ARG A 43 1.11 -5.66 7.27
C ARG A 43 0.17 -5.11 8.34
N THR A 44 0.45 -3.89 8.77
CA THR A 44 -0.37 -3.24 9.79
C THR A 44 -1.70 -2.77 9.23
N HIS A 45 -1.63 -1.93 8.19
CA HIS A 45 -2.84 -1.41 7.55
C HIS A 45 -3.97 -2.43 7.59
N GLY A 46 -3.67 -3.64 7.14
CA GLY A 46 -4.67 -4.69 7.14
C GLY A 46 -4.07 -6.06 6.86
N THR A 47 -4.92 -7.09 6.89
CA THR A 47 -4.47 -8.45 6.64
C THR A 47 -4.86 -8.91 5.25
N CYS A 48 -4.05 -8.54 4.25
CA CYS A 48 -4.32 -8.92 2.86
C CYS A 48 -3.11 -9.64 2.25
N ALA A 49 -2.35 -10.33 3.11
CA ALA A 49 -1.18 -11.07 2.66
C ALA A 49 -1.36 -12.56 2.85
N GLU A 50 -1.98 -12.93 3.96
CA GLU A 50 -2.22 -14.34 4.28
C GLU A 50 -2.70 -15.10 3.04
N ASN A 51 -3.66 -14.50 2.33
CA ASN A 51 -4.22 -15.11 1.14
C ASN A 51 -3.32 -14.88 -0.06
N PHE A 52 -2.86 -13.64 -0.22
CA PHE A 52 -1.98 -13.28 -1.33
C PHE A 52 -0.54 -13.66 -1.03
N TYR A 53 -0.10 -14.79 -1.57
CA TYR A 53 1.26 -15.27 -1.36
C TYR A 53 1.92 -15.63 -2.68
N SER A 54 3.12 -15.08 -2.90
CA SER A 54 3.86 -15.34 -4.14
C SER A 54 5.15 -16.08 -3.83
N GLY A 55 5.04 -17.39 -3.59
CA GLY A 55 6.22 -18.19 -3.29
C GLY A 55 6.27 -18.62 -1.84
N PRO A 56 7.46 -19.08 -1.40
CA PRO A 56 7.66 -19.53 -0.02
C PRO A 56 7.63 -18.38 0.97
N SER A 57 6.64 -18.40 1.87
CA SER A 57 6.50 -17.36 2.87
C SER A 57 7.57 -17.49 3.95
N SER A 58 8.07 -18.72 4.14
CA SER A 58 9.10 -18.97 5.14
C SER A 58 9.59 -20.42 5.05
N GLY A 59 10.85 -20.63 5.41
CA GLY A 59 11.42 -21.97 5.36
C GLY A 59 11.54 -22.49 3.95
N GLY A 1 7.47 28.61 -0.77
CA GLY A 1 6.20 27.95 -0.54
C GLY A 1 6.09 26.64 -1.30
N SER A 2 4.93 25.99 -1.21
CA SER A 2 4.70 24.72 -1.88
C SER A 2 3.23 24.55 -2.25
N SER A 3 2.98 24.10 -3.48
CA SER A 3 1.61 23.90 -3.94
C SER A 3 1.60 23.05 -5.22
N GLY A 4 0.40 22.73 -5.69
CA GLY A 4 0.27 21.93 -6.89
C GLY A 4 0.47 20.45 -6.63
N SER A 5 1.59 19.92 -7.10
CA SER A 5 1.88 18.50 -6.92
C SER A 5 3.34 18.31 -6.48
N SER A 6 3.51 17.87 -5.23
CA SER A 6 4.84 17.65 -4.68
C SER A 6 5.51 16.43 -5.33
N GLY A 7 4.72 15.37 -5.51
CA GLY A 7 5.25 14.17 -6.13
C GLY A 7 4.80 13.99 -7.57
N MET A 8 5.54 13.19 -8.32
CA MET A 8 5.22 12.95 -9.72
C MET A 8 4.70 11.53 -9.92
N GLU A 9 5.52 10.54 -9.58
CA GLU A 9 5.15 9.14 -9.72
C GLU A 9 3.77 8.89 -9.12
N PRO A 10 3.05 7.90 -9.69
CA PRO A 10 1.71 7.54 -9.23
C PRO A 10 1.74 6.86 -7.85
N ALA A 11 1.67 7.67 -6.80
CA ALA A 11 1.68 7.17 -5.43
C ALA A 11 0.82 8.01 -4.52
N GLY A 12 0.60 7.54 -3.31
CA GLY A 12 -0.22 8.26 -2.35
C GLY A 12 0.40 8.30 -0.97
N PRO A 13 0.01 9.32 -0.17
CA PRO A 13 0.53 9.48 1.20
C PRO A 13 0.01 8.40 2.15
N CYS A 14 0.90 7.48 2.54
CA CYS A 14 0.54 6.40 3.43
C CYS A 14 -0.46 6.89 4.49
N GLY A 15 -1.72 6.51 4.31
CA GLY A 15 -2.75 6.92 5.25
C GLY A 15 -2.90 5.94 6.40
N PHE A 16 -1.77 5.46 6.92
CA PHE A 16 -1.78 4.51 8.04
C PHE A 16 -0.81 4.95 9.14
N CYS A 17 0.27 5.60 8.73
CA CYS A 17 1.28 6.06 9.68
C CYS A 17 0.65 6.99 10.72
N PRO A 18 1.33 7.15 11.87
CA PRO A 18 0.86 8.01 12.96
C PRO A 18 0.93 9.48 12.60
N ALA A 19 -0.12 10.23 12.94
CA ALA A 19 -0.16 11.65 12.66
C ALA A 19 1.21 12.29 12.79
N GLY A 20 1.71 12.84 11.69
CA GLY A 20 3.02 13.47 11.69
C GLY A 20 4.03 12.70 10.88
N GLU A 21 4.05 11.38 11.05
CA GLU A 21 4.98 10.52 10.33
C GLU A 21 4.39 10.07 9.00
N VAL A 22 3.77 11.00 8.28
CA VAL A 22 3.16 10.69 7.00
C VAL A 22 4.22 10.56 5.90
N GLN A 23 4.36 9.36 5.36
CA GLN A 23 5.34 9.10 4.31
C GLN A 23 4.64 8.81 2.99
N PRO A 24 5.35 9.08 1.87
CA PRO A 24 4.82 8.86 0.53
C PRO A 24 4.69 7.37 0.20
N ALA A 25 3.46 6.87 0.19
CA ALA A 25 3.20 5.46 -0.11
C ALA A 25 3.43 5.17 -1.58
N ARG A 26 4.66 4.80 -1.93
CA ARG A 26 5.01 4.49 -3.31
C ARG A 26 4.27 3.23 -3.79
N TYR A 27 4.06 2.30 -2.86
CA TYR A 27 3.37 1.06 -3.19
C TYR A 27 1.92 1.10 -2.74
N THR A 28 1.21 -0.01 -2.93
CA THR A 28 -0.19 -0.10 -2.55
C THR A 28 -0.65 -1.55 -2.48
N CYS A 29 -1.54 -1.84 -1.54
CA CYS A 29 -2.07 -3.20 -1.38
C CYS A 29 -2.89 -3.62 -2.59
N PRO A 30 -2.41 -4.65 -3.30
CA PRO A 30 -3.09 -5.16 -4.49
C PRO A 30 -4.39 -5.88 -4.15
N ARG A 31 -4.74 -5.89 -2.87
CA ARG A 31 -5.96 -6.54 -2.42
C ARG A 31 -7.00 -5.51 -2.02
N CYS A 32 -6.56 -4.41 -1.45
CA CYS A 32 -7.45 -3.33 -1.02
C CYS A 32 -6.93 -1.97 -1.45
N ASN A 33 -6.15 -1.96 -2.53
CA ASN A 33 -5.59 -0.71 -3.05
C ASN A 33 -5.27 0.25 -1.91
N ALA A 34 -4.50 -0.21 -0.93
CA ALA A 34 -4.13 0.61 0.21
C ALA A 34 -2.68 1.08 0.09
N PRO A 35 -2.50 2.40 -0.05
CA PRO A 35 -1.16 3.01 -0.17
C PRO A 35 -0.37 2.94 1.13
N TYR A 36 0.72 2.18 1.12
CA TYR A 36 1.54 2.03 2.31
C TYR A 36 2.97 2.51 2.03
N CYS A 37 3.58 3.14 3.03
CA CYS A 37 4.93 3.66 2.90
C CYS A 37 5.94 2.51 2.75
N SER A 38 5.82 1.52 3.63
CA SER A 38 6.72 0.38 3.61
C SER A 38 5.98 -0.91 4.00
N LEU A 39 6.61 -2.04 3.75
CA LEU A 39 6.01 -3.33 4.08
C LEU A 39 5.38 -3.31 5.47
N ARG A 40 6.02 -2.57 6.38
CA ARG A 40 5.52 -2.46 7.75
C ARG A 40 4.03 -2.12 7.77
N CYS A 41 3.70 -0.95 7.26
CA CYS A 41 2.30 -0.49 7.21
C CYS A 41 1.46 -1.43 6.35
N TYR A 42 2.09 -2.01 5.33
CA TYR A 42 1.40 -2.92 4.43
C TYR A 42 0.84 -4.12 5.19
N ARG A 43 1.51 -4.48 6.28
CA ARG A 43 1.08 -5.61 7.11
C ARG A 43 0.15 -5.15 8.22
N THR A 44 0.39 -3.95 8.73
CA THR A 44 -0.43 -3.40 9.80
C THR A 44 -1.82 -3.01 9.29
N HIS A 45 -1.85 -2.16 8.27
CA HIS A 45 -3.10 -1.72 7.69
C HIS A 45 -4.13 -2.85 7.66
N GLY A 46 -3.75 -3.96 7.07
CA GLY A 46 -4.65 -5.10 6.99
C GLY A 46 -3.91 -6.42 6.87
N THR A 47 -4.66 -7.51 6.73
CA THR A 47 -4.06 -8.84 6.62
C THR A 47 -4.24 -9.40 5.21
N CYS A 48 -4.55 -8.52 4.26
CA CYS A 48 -4.75 -8.92 2.87
C CYS A 48 -3.55 -9.73 2.36
N ALA A 49 -2.37 -9.45 2.93
CA ALA A 49 -1.15 -10.14 2.53
C ALA A 49 -1.20 -11.61 2.93
N GLU A 50 -1.31 -11.87 4.23
CA GLU A 50 -1.36 -13.24 4.75
C GLU A 50 -2.16 -14.13 3.79
N ASN A 51 -3.14 -13.54 3.12
CA ASN A 51 -3.97 -14.29 2.18
C ASN A 51 -4.06 -13.57 0.84
N PHE A 52 -2.90 -13.26 0.26
CA PHE A 52 -2.84 -12.58 -1.02
C PHE A 52 -3.01 -13.56 -2.18
N TYR A 53 -3.45 -14.77 -1.85
CA TYR A 53 -3.66 -15.81 -2.86
C TYR A 53 -5.13 -16.15 -3.00
N SER A 54 -5.85 -15.31 -3.75
CA SER A 54 -7.27 -15.52 -3.96
C SER A 54 -7.52 -16.34 -5.22
N GLY A 55 -8.67 -17.03 -5.27
CA GLY A 55 -9.00 -17.84 -6.42
C GLY A 55 -8.84 -19.33 -6.14
N PRO A 56 -8.01 -20.00 -6.96
CA PRO A 56 -7.76 -21.44 -6.82
C PRO A 56 -6.95 -21.77 -5.57
N SER A 57 -7.00 -23.02 -5.15
CA SER A 57 -6.27 -23.46 -3.96
C SER A 57 -4.87 -23.96 -4.34
N SER A 58 -3.89 -23.06 -4.22
CA SER A 58 -2.51 -23.41 -4.55
C SER A 58 -1.75 -23.85 -3.31
N GLY A 59 -1.75 -25.16 -3.06
CA GLY A 59 -1.06 -25.70 -1.90
C GLY A 59 -0.90 -27.20 -1.98
N GLY A 1 -17.74 15.69 -6.98
CA GLY A 1 -17.32 15.48 -8.36
C GLY A 1 -16.49 14.23 -8.53
N SER A 2 -15.86 14.08 -9.69
CA SER A 2 -15.04 12.91 -9.98
C SER A 2 -14.26 13.11 -11.27
N SER A 3 -13.00 12.68 -11.26
CA SER A 3 -12.14 12.81 -12.43
C SER A 3 -10.89 11.96 -12.28
N GLY A 4 -10.27 11.61 -13.40
CA GLY A 4 -9.06 10.80 -13.38
C GLY A 4 -8.87 9.99 -14.65
N SER A 5 -7.64 9.98 -15.16
CA SER A 5 -7.33 9.25 -16.38
C SER A 5 -6.78 7.86 -16.06
N SER A 6 -6.94 6.93 -16.99
CA SER A 6 -6.45 5.57 -16.81
C SER A 6 -4.96 5.48 -17.08
N GLY A 7 -4.32 4.44 -16.56
CA GLY A 7 -2.90 4.25 -16.76
C GLY A 7 -2.10 4.49 -15.49
N MET A 8 -1.01 5.23 -15.61
CA MET A 8 -0.15 5.53 -14.47
C MET A 8 -0.98 6.07 -13.31
N GLU A 9 -0.76 5.51 -12.12
CA GLU A 9 -1.49 5.94 -10.93
C GLU A 9 -0.54 6.59 -9.92
N PRO A 10 -0.84 7.84 -9.56
CA PRO A 10 -0.02 8.60 -8.60
C PRO A 10 -0.15 8.05 -7.18
N ALA A 11 0.99 7.84 -6.54
CA ALA A 11 1.01 7.32 -5.17
C ALA A 11 0.24 8.23 -4.23
N GLY A 12 0.09 7.81 -2.98
CA GLY A 12 -0.63 8.59 -2.00
C GLY A 12 0.04 8.59 -0.65
N PRO A 13 -0.33 9.56 0.21
CA PRO A 13 0.24 9.69 1.55
C PRO A 13 -0.21 8.56 2.48
N CYS A 14 0.73 7.69 2.83
CA CYS A 14 0.44 6.57 3.71
C CYS A 14 -0.56 6.97 4.80
N GLY A 15 -1.82 6.63 4.59
CA GLY A 15 -2.86 6.96 5.55
C GLY A 15 -2.98 5.93 6.65
N PHE A 16 -1.84 5.40 7.10
CA PHE A 16 -1.83 4.40 8.15
C PHE A 16 -0.86 4.79 9.27
N CYS A 17 0.23 5.46 8.89
CA CYS A 17 1.22 5.90 9.86
C CYS A 17 0.60 6.77 10.93
N PRO A 18 1.28 6.88 12.09
CA PRO A 18 0.81 7.70 13.21
C PRO A 18 0.87 9.20 12.91
N ALA A 19 -0.18 9.91 13.30
CA ALA A 19 -0.25 11.35 13.08
C ALA A 19 1.14 11.98 13.17
N GLY A 20 1.54 12.70 12.12
CA GLY A 20 2.84 13.34 12.10
C GLY A 20 3.84 12.60 11.25
N GLU A 21 3.92 11.28 11.44
CA GLU A 21 4.85 10.45 10.68
C GLU A 21 4.24 10.04 9.34
N VAL A 22 3.58 10.98 8.67
CA VAL A 22 2.95 10.72 7.38
C VAL A 22 3.99 10.67 6.27
N GLN A 23 4.08 9.52 5.61
CA GLN A 23 5.03 9.35 4.52
C GLN A 23 4.32 9.05 3.21
N PRO A 24 4.95 9.42 2.08
CA PRO A 24 4.38 9.19 0.74
C PRO A 24 4.36 7.72 0.37
N ALA A 25 3.17 7.12 0.39
CA ALA A 25 3.01 5.71 0.05
C ALA A 25 3.30 5.47 -1.42
N ARG A 26 4.52 5.05 -1.74
CA ARG A 26 4.92 4.78 -3.11
C ARG A 26 4.27 3.51 -3.62
N TYR A 27 3.89 2.63 -2.71
CA TYR A 27 3.26 1.36 -3.07
C TYR A 27 1.78 1.36 -2.68
N THR A 28 1.13 0.22 -2.86
CA THR A 28 -0.28 0.08 -2.53
C THR A 28 -0.69 -1.40 -2.49
N CYS A 29 -1.46 -1.76 -1.47
CA CYS A 29 -1.92 -3.13 -1.32
C CYS A 29 -2.77 -3.55 -2.52
N PRO A 30 -2.25 -4.53 -3.30
CA PRO A 30 -2.94 -5.04 -4.48
C PRO A 30 -4.18 -5.86 -4.12
N ARG A 31 -4.52 -5.87 -2.84
CA ARG A 31 -5.69 -6.61 -2.37
C ARG A 31 -6.81 -5.66 -1.98
N CYS A 32 -6.45 -4.51 -1.45
CA CYS A 32 -7.43 -3.51 -1.03
C CYS A 32 -7.02 -2.11 -1.50
N ASN A 33 -6.07 -2.06 -2.42
CA ASN A 33 -5.60 -0.79 -2.95
C ASN A 33 -5.33 0.20 -1.83
N ALA A 34 -4.50 -0.21 -0.87
CA ALA A 34 -4.15 0.65 0.25
C ALA A 34 -2.72 1.15 0.15
N PRO A 35 -2.56 2.47 0.02
CA PRO A 35 -1.25 3.11 -0.09
C PRO A 35 -0.46 3.05 1.21
N TYR A 36 0.65 2.32 1.20
CA TYR A 36 1.49 2.17 2.38
C TYR A 36 2.90 2.68 2.12
N CYS A 37 3.49 3.33 3.12
CA CYS A 37 4.84 3.87 3.00
C CYS A 37 5.86 2.75 2.85
N SER A 38 5.75 1.74 3.71
CA SER A 38 6.68 0.61 3.67
C SER A 38 5.95 -0.68 3.99
N LEU A 39 6.67 -1.80 3.89
CA LEU A 39 6.09 -3.12 4.16
C LEU A 39 5.49 -3.15 5.56
N ARG A 40 6.15 -2.50 6.51
CA ARG A 40 5.68 -2.46 7.88
C ARG A 40 4.21 -2.04 7.94
N CYS A 41 3.84 -1.11 7.07
CA CYS A 41 2.46 -0.62 7.03
C CYS A 41 1.60 -1.51 6.14
N TYR A 42 2.22 -2.12 5.14
CA TYR A 42 1.51 -2.99 4.21
C TYR A 42 0.91 -4.19 4.95
N ARG A 43 1.55 -4.56 6.05
CA ARG A 43 1.08 -5.70 6.85
C ARG A 43 0.16 -5.23 7.98
N THR A 44 0.46 -4.06 8.53
CA THR A 44 -0.33 -3.50 9.62
C THR A 44 -1.70 -3.05 9.12
N HIS A 45 -1.70 -2.19 8.10
CA HIS A 45 -2.94 -1.68 7.54
C HIS A 45 -4.02 -2.76 7.54
N GLY A 46 -3.71 -3.91 6.94
CA GLY A 46 -4.67 -5.00 6.88
C GLY A 46 -3.99 -6.34 6.72
N THR A 47 -4.76 -7.41 6.92
CA THR A 47 -4.23 -8.77 6.80
C THR A 47 -4.55 -9.36 5.43
N CYS A 48 -4.44 -8.53 4.39
CA CYS A 48 -4.71 -8.96 3.04
C CYS A 48 -3.61 -9.90 2.53
N ALA A 49 -2.38 -9.65 2.96
CA ALA A 49 -1.26 -10.48 2.56
C ALA A 49 -1.46 -11.93 2.97
N GLU A 50 -1.74 -12.14 4.25
CA GLU A 50 -1.96 -13.49 4.77
C GLU A 50 -2.75 -14.34 3.78
N ASN A 51 -3.76 -13.73 3.17
CA ASN A 51 -4.61 -14.43 2.20
C ASN A 51 -3.92 -14.48 0.83
N PHE A 52 -3.53 -13.31 0.33
CA PHE A 52 -2.87 -13.22 -0.97
C PHE A 52 -1.84 -14.34 -1.13
N TYR A 53 -0.82 -14.33 -0.27
CA TYR A 53 0.22 -15.35 -0.33
C TYR A 53 -0.10 -16.51 0.60
N SER A 54 0.32 -17.70 0.20
CA SER A 54 0.07 -18.91 1.00
C SER A 54 1.29 -19.26 1.83
N GLY A 55 1.21 -19.03 3.14
CA GLY A 55 2.33 -19.33 4.02
C GLY A 55 2.31 -20.77 4.50
N PRO A 56 3.32 -21.15 5.30
CA PRO A 56 3.43 -22.50 5.84
C PRO A 56 2.36 -22.81 6.88
N SER A 57 1.61 -21.79 7.25
CA SER A 57 0.55 -21.95 8.24
C SER A 57 -0.37 -23.11 7.88
N SER A 58 -0.33 -24.16 8.71
CA SER A 58 -1.15 -25.34 8.47
C SER A 58 -1.94 -25.72 9.72
N GLY A 59 -1.25 -25.72 10.86
CA GLY A 59 -1.91 -26.05 12.12
C GLY A 59 -3.30 -25.46 12.22
N GLY A 1 -9.14 17.89 -11.16
CA GLY A 1 -8.19 18.16 -12.23
C GLY A 1 -6.87 17.46 -12.02
N SER A 2 -6.86 16.14 -12.17
CA SER A 2 -5.64 15.36 -12.00
C SER A 2 -4.82 15.34 -13.28
N SER A 3 -3.56 14.91 -13.16
CA SER A 3 -2.67 14.85 -14.31
C SER A 3 -1.42 14.02 -13.98
N GLY A 4 -1.05 13.14 -14.90
CA GLY A 4 0.12 12.31 -14.69
C GLY A 4 -0.18 10.84 -14.92
N SER A 5 -0.87 10.52 -16.01
CA SER A 5 -1.23 9.15 -16.33
C SER A 5 -0.19 8.52 -17.26
N SER A 6 1.08 8.77 -16.97
CA SER A 6 2.17 8.24 -17.79
C SER A 6 3.03 7.27 -16.98
N GLY A 7 2.66 5.99 -17.01
CA GLY A 7 3.41 4.99 -16.29
C GLY A 7 2.52 4.12 -15.41
N MET A 8 2.26 4.58 -14.19
CA MET A 8 1.42 3.84 -13.26
C MET A 8 0.84 4.77 -12.20
N GLU A 9 -0.30 4.37 -11.63
CA GLU A 9 -0.95 5.17 -10.59
C GLU A 9 0.07 5.90 -9.74
N PRO A 10 -0.19 7.19 -9.48
CA PRO A 10 0.70 8.04 -8.69
C PRO A 10 0.70 7.65 -7.21
N ALA A 11 1.79 7.93 -6.52
CA ALA A 11 1.92 7.61 -5.11
C ALA A 11 0.88 8.36 -4.28
N GLY A 12 0.66 7.89 -3.06
CA GLY A 12 -0.32 8.53 -2.19
C GLY A 12 0.17 8.63 -0.76
N PRO A 13 -0.47 9.50 0.03
CA PRO A 13 -0.12 9.71 1.44
C PRO A 13 -0.48 8.52 2.31
N CYS A 14 0.52 7.96 2.99
CA CYS A 14 0.31 6.81 3.86
C CYS A 14 -0.37 7.24 5.16
N GLY A 15 -1.69 7.39 5.11
CA GLY A 15 -2.43 7.79 6.29
C GLY A 15 -2.19 6.87 7.46
N PHE A 16 -2.06 5.58 7.19
CA PHE A 16 -1.83 4.60 8.24
C PHE A 16 -0.74 5.07 9.20
N CYS A 17 0.09 6.00 8.73
CA CYS A 17 1.17 6.54 9.55
C CYS A 17 0.69 7.73 10.37
N PRO A 18 1.40 8.02 11.47
CA PRO A 18 1.06 9.14 12.37
C PRO A 18 1.32 10.49 11.71
N ALA A 19 0.37 11.40 11.85
CA ALA A 19 0.50 12.74 11.28
C ALA A 19 1.94 13.22 11.33
N GLY A 20 2.44 13.68 10.18
CA GLY A 20 3.81 14.16 10.11
C GLY A 20 4.75 13.14 9.49
N GLU A 21 4.69 11.90 9.96
CA GLU A 21 5.54 10.84 9.44
C GLU A 21 4.93 10.22 8.18
N VAL A 22 3.65 10.50 7.97
CA VAL A 22 2.95 9.97 6.80
C VAL A 22 3.79 10.11 5.54
N GLN A 23 4.51 9.05 5.18
CA GLN A 23 5.36 9.07 4.00
C GLN A 23 4.53 8.89 2.73
N PRO A 24 5.08 9.33 1.60
CA PRO A 24 4.40 9.23 0.30
C PRO A 24 4.30 7.79 -0.19
N ALA A 25 3.30 7.08 0.29
CA ALA A 25 3.08 5.69 -0.11
C ALA A 25 3.47 5.47 -1.56
N ARG A 26 4.61 4.81 -1.77
CA ARG A 26 5.09 4.54 -3.13
C ARG A 26 4.37 3.34 -3.72
N TYR A 27 3.95 2.42 -2.86
CA TYR A 27 3.25 1.21 -3.31
C TYR A 27 1.80 1.22 -2.83
N THR A 28 1.10 0.12 -3.07
CA THR A 28 -0.29 0.00 -2.66
C THR A 28 -0.72 -1.47 -2.61
N CYS A 29 -1.54 -1.81 -1.62
CA CYS A 29 -2.03 -3.17 -1.47
C CYS A 29 -2.85 -3.61 -2.68
N PRO A 30 -2.34 -4.61 -3.41
CA PRO A 30 -3.01 -5.13 -4.60
C PRO A 30 -4.28 -5.90 -4.26
N ARG A 31 -4.67 -5.87 -2.99
CA ARG A 31 -5.86 -6.56 -2.53
C ARG A 31 -6.93 -5.56 -2.08
N CYS A 32 -6.48 -4.46 -1.48
CA CYS A 32 -7.39 -3.43 -1.00
C CYS A 32 -6.91 -2.04 -1.41
N ASN A 33 -6.18 -1.98 -2.52
CA ASN A 33 -5.66 -0.72 -3.02
C ASN A 33 -5.36 0.24 -1.88
N ALA A 34 -4.54 -0.22 -0.93
CA ALA A 34 -4.16 0.60 0.22
C ALA A 34 -2.71 1.07 0.10
N PRO A 35 -2.52 2.38 -0.04
CA PRO A 35 -1.20 2.99 -0.16
C PRO A 35 -0.42 2.92 1.15
N TYR A 36 0.73 2.25 1.11
CA TYR A 36 1.57 2.10 2.30
C TYR A 36 2.99 2.61 2.02
N CYS A 37 3.55 3.32 2.98
CA CYS A 37 4.90 3.85 2.84
C CYS A 37 5.92 2.73 2.74
N SER A 38 5.81 1.75 3.63
CA SER A 38 6.72 0.61 3.64
C SER A 38 6.02 -0.65 4.12
N LEU A 39 6.56 -1.80 3.74
CA LEU A 39 5.99 -3.09 4.11
C LEU A 39 5.44 -3.04 5.54
N ARG A 40 6.12 -2.29 6.40
CA ARG A 40 5.70 -2.16 7.79
C ARG A 40 4.19 -1.89 7.88
N CYS A 41 3.73 -0.88 7.16
CA CYS A 41 2.32 -0.52 7.15
C CYS A 41 1.50 -1.53 6.34
N TYR A 42 2.16 -2.17 5.38
CA TYR A 42 1.50 -3.16 4.53
C TYR A 42 0.95 -4.31 5.36
N ARG A 43 1.63 -4.62 6.46
CA ARG A 43 1.21 -5.70 7.34
C ARG A 43 0.24 -5.19 8.40
N THR A 44 0.40 -3.93 8.80
CA THR A 44 -0.47 -3.33 9.80
C THR A 44 -1.81 -2.93 9.20
N HIS A 45 -1.76 -2.05 8.21
CA HIS A 45 -2.98 -1.58 7.55
C HIS A 45 -4.03 -2.69 7.50
N GLY A 46 -3.61 -3.88 7.08
CA GLY A 46 -4.53 -5.00 6.99
C GLY A 46 -3.81 -6.32 6.79
N THR A 47 -4.53 -7.42 7.00
CA THR A 47 -3.95 -8.75 6.83
C THR A 47 -4.32 -9.34 5.48
N CYS A 48 -4.27 -8.52 4.44
CA CYS A 48 -4.60 -8.96 3.09
C CYS A 48 -3.51 -9.88 2.54
N ALA A 49 -2.29 -9.71 3.05
CA ALA A 49 -1.16 -10.53 2.61
C ALA A 49 -1.16 -11.89 3.32
N GLU A 50 -2.34 -12.46 3.50
CA GLU A 50 -2.47 -13.75 4.16
C GLU A 50 -2.78 -14.85 3.14
N ASN A 51 -3.58 -14.52 2.14
CA ASN A 51 -3.96 -15.47 1.10
C ASN A 51 -3.25 -15.16 -0.21
N PHE A 52 -3.07 -13.86 -0.47
CA PHE A 52 -2.41 -13.42 -1.70
C PHE A 52 -1.29 -14.38 -2.10
N TYR A 53 -0.38 -14.65 -1.17
CA TYR A 53 0.73 -15.56 -1.43
C TYR A 53 0.32 -17.01 -1.21
N SER A 54 0.96 -17.91 -1.92
CA SER A 54 0.66 -19.33 -1.81
C SER A 54 0.52 -19.75 -0.35
N GLY A 55 -0.57 -20.42 -0.04
CA GLY A 55 -0.80 -20.86 1.33
C GLY A 55 -1.91 -21.89 1.43
N PRO A 56 -1.56 -23.17 1.30
CA PRO A 56 -2.52 -24.27 1.36
C PRO A 56 -3.06 -24.48 2.77
N SER A 57 -2.17 -24.55 3.75
CA SER A 57 -2.57 -24.74 5.14
C SER A 57 -3.61 -23.70 5.56
N SER A 58 -4.79 -24.18 5.94
CA SER A 58 -5.87 -23.30 6.35
C SER A 58 -6.08 -23.38 7.86
N GLY A 59 -6.23 -22.21 8.49
CA GLY A 59 -6.43 -22.17 9.94
C GLY A 59 -6.45 -20.75 10.47
N GLY A 1 -8.70 2.34 -8.34
CA GLY A 1 -9.65 2.41 -9.44
C GLY A 1 -8.98 2.23 -10.79
N SER A 2 -9.24 3.15 -11.70
CA SER A 2 -8.67 3.10 -13.04
C SER A 2 -7.86 4.36 -13.35
N SER A 3 -6.62 4.18 -13.78
CA SER A 3 -5.74 5.30 -14.10
C SER A 3 -4.93 5.00 -15.36
N GLY A 4 -4.96 5.93 -16.31
CA GLY A 4 -4.22 5.76 -17.55
C GLY A 4 -2.94 6.56 -17.57
N SER A 5 -2.20 6.52 -16.47
CA SER A 5 -0.94 7.26 -16.37
C SER A 5 0.03 6.83 -17.46
N SER A 6 0.88 7.77 -17.89
CA SER A 6 1.84 7.49 -18.94
C SER A 6 3.26 7.53 -18.39
N GLY A 7 3.99 6.44 -18.57
CA GLY A 7 5.36 6.36 -18.08
C GLY A 7 5.45 5.75 -16.70
N MET A 8 5.73 6.58 -15.70
CA MET A 8 5.85 6.11 -14.32
C MET A 8 4.53 6.34 -13.57
N GLU A 9 4.40 5.69 -12.41
CA GLU A 9 3.20 5.82 -11.60
C GLU A 9 3.47 6.72 -10.39
N PRO A 10 2.49 7.59 -10.08
CA PRO A 10 2.59 8.52 -8.95
C PRO A 10 2.52 7.81 -7.60
N ALA A 11 2.61 8.58 -6.53
CA ALA A 11 2.57 8.02 -5.18
C ALA A 11 1.54 8.76 -4.32
N GLY A 12 1.12 8.12 -3.24
CA GLY A 12 0.15 8.73 -2.35
C GLY A 12 0.66 8.87 -0.92
N PRO A 13 0.13 9.85 -0.20
CA PRO A 13 0.53 10.11 1.20
C PRO A 13 0.06 9.02 2.14
N CYS A 14 0.99 8.21 2.62
CA CYS A 14 0.66 7.12 3.54
C CYS A 14 0.01 7.66 4.82
N GLY A 15 -1.29 7.47 4.93
CA GLY A 15 -2.02 7.94 6.09
C GLY A 15 -1.85 7.03 7.29
N PHE A 16 -1.94 5.72 7.05
CA PHE A 16 -1.79 4.74 8.12
C PHE A 16 -0.75 5.19 9.15
N CYS A 17 0.25 5.93 8.66
CA CYS A 17 1.31 6.43 9.54
C CYS A 17 0.79 7.50 10.49
N PRO A 18 1.46 7.66 11.63
CA PRO A 18 1.08 8.66 12.64
C PRO A 18 1.33 10.09 12.17
N ALA A 19 0.35 10.95 12.39
CA ALA A 19 0.46 12.35 11.99
C ALA A 19 1.90 12.83 12.06
N GLY A 20 2.34 13.54 11.02
CA GLY A 20 3.71 14.03 10.99
C GLY A 20 4.65 13.09 10.27
N GLU A 21 4.65 11.83 10.67
CA GLU A 21 5.51 10.82 10.06
C GLU A 21 4.91 10.31 8.76
N VAL A 22 4.43 11.23 7.93
CA VAL A 22 3.83 10.88 6.65
C VAL A 22 4.89 10.47 5.64
N GLN A 23 4.82 9.23 5.17
CA GLN A 23 5.78 8.73 4.20
C GLN A 23 5.11 8.50 2.85
N PRO A 24 5.92 8.50 1.77
CA PRO A 24 5.42 8.29 0.41
C PRO A 24 4.97 6.85 0.17
N ALA A 25 3.65 6.67 0.09
CA ALA A 25 3.08 5.34 -0.15
C ALA A 25 3.26 4.91 -1.59
N ARG A 26 4.51 4.86 -2.04
CA ARG A 26 4.83 4.46 -3.41
C ARG A 26 4.18 3.12 -3.74
N TYR A 27 3.96 2.30 -2.72
CA TYR A 27 3.34 0.99 -2.90
C TYR A 27 1.90 0.98 -2.40
N THR A 28 1.07 0.14 -3.00
CA THR A 28 -0.33 0.03 -2.62
C THR A 28 -0.77 -1.42 -2.55
N CYS A 29 -1.55 -1.76 -1.53
CA CYS A 29 -2.05 -3.12 -1.34
C CYS A 29 -2.84 -3.57 -2.57
N PRO A 30 -2.31 -4.57 -3.29
CA PRO A 30 -2.95 -5.12 -4.48
C PRO A 30 -4.22 -5.90 -4.15
N ARG A 31 -4.62 -5.85 -2.89
CA ARG A 31 -5.81 -6.57 -2.44
C ARG A 31 -6.91 -5.59 -2.04
N CYS A 32 -6.51 -4.47 -1.44
CA CYS A 32 -7.46 -3.45 -1.01
C CYS A 32 -7.01 -2.06 -1.46
N ASN A 33 -6.11 -2.02 -2.44
CA ASN A 33 -5.60 -0.76 -2.97
C ASN A 33 -5.31 0.22 -1.83
N ALA A 34 -4.49 -0.21 -0.88
CA ALA A 34 -4.13 0.63 0.26
C ALA A 34 -2.70 1.14 0.12
N PRO A 35 -2.56 2.47 -0.03
CA PRO A 35 -1.25 3.12 -0.17
C PRO A 35 -0.44 3.08 1.12
N TYR A 36 0.64 2.32 1.11
CA TYR A 36 1.50 2.20 2.28
C TYR A 36 2.93 2.64 1.96
N CYS A 37 3.58 3.26 2.93
CA CYS A 37 4.94 3.73 2.75
C CYS A 37 5.92 2.56 2.63
N SER A 38 5.80 1.61 3.55
CA SER A 38 6.66 0.43 3.55
C SER A 38 5.90 -0.81 4.03
N LEU A 39 6.52 -1.97 3.89
CA LEU A 39 5.91 -3.22 4.30
C LEU A 39 5.34 -3.11 5.71
N ARG A 40 6.04 -2.35 6.57
CA ARG A 40 5.61 -2.16 7.94
C ARG A 40 4.13 -1.74 8.00
N CYS A 41 3.74 -0.86 7.08
CA CYS A 41 2.37 -0.39 7.03
C CYS A 41 1.48 -1.36 6.27
N TYR A 42 2.05 -2.01 5.26
CA TYR A 42 1.31 -2.98 4.45
C TYR A 42 0.79 -4.13 5.32
N ARG A 43 1.55 -4.45 6.37
CA ARG A 43 1.16 -5.53 7.27
C ARG A 43 0.26 -5.01 8.39
N THR A 44 0.47 -3.75 8.77
CA THR A 44 -0.32 -3.14 9.83
C THR A 44 -1.71 -2.77 9.34
N HIS A 45 -1.76 -1.93 8.32
CA HIS A 45 -3.04 -1.50 7.74
C HIS A 45 -4.04 -2.65 7.73
N GLY A 46 -3.66 -3.76 7.12
CA GLY A 46 -4.54 -4.91 7.06
C GLY A 46 -3.79 -6.20 6.78
N THR A 47 -4.46 -7.33 7.01
CA THR A 47 -3.85 -8.63 6.79
C THR A 47 -4.21 -9.19 5.42
N CYS A 48 -3.97 -8.40 4.37
CA CYS A 48 -4.27 -8.82 3.02
C CYS A 48 -3.09 -9.53 2.38
N ALA A 49 -2.34 -10.26 3.20
CA ALA A 49 -1.18 -11.00 2.73
C ALA A 49 -1.46 -12.50 2.70
N GLU A 50 -2.09 -13.01 3.75
CA GLU A 50 -2.42 -14.42 3.85
C GLU A 50 -3.19 -14.89 2.62
N ASN A 51 -4.15 -14.07 2.19
CA ASN A 51 -4.98 -14.40 1.04
C ASN A 51 -4.14 -14.36 -0.25
N PHE A 52 -3.54 -13.21 -0.52
CA PHE A 52 -2.71 -13.04 -1.71
C PHE A 52 -1.39 -13.78 -1.57
N TYR A 53 -1.39 -15.06 -1.95
CA TYR A 53 -0.18 -15.88 -1.86
C TYR A 53 0.67 -15.73 -3.11
N SER A 54 0.05 -15.91 -4.28
CA SER A 54 0.76 -15.80 -5.55
C SER A 54 2.17 -16.36 -5.43
N GLY A 55 2.29 -17.52 -4.80
CA GLY A 55 3.59 -18.15 -4.64
C GLY A 55 3.49 -19.65 -4.44
N PRO A 56 4.60 -20.27 -4.01
CA PRO A 56 4.67 -21.72 -3.78
C PRO A 56 3.84 -22.14 -2.55
N SER A 57 3.29 -21.16 -1.86
CA SER A 57 2.48 -21.42 -0.67
C SER A 57 1.16 -22.07 -1.05
N SER A 58 1.05 -23.37 -0.84
CA SER A 58 -0.16 -24.12 -1.16
C SER A 58 -1.31 -23.70 -0.24
N GLY A 59 -1.10 -23.85 1.07
CA GLY A 59 -2.12 -23.50 2.03
C GLY A 59 -2.97 -24.68 2.46
N GLY A 1 -14.95 26.14 -16.32
CA GLY A 1 -14.76 24.89 -15.60
C GLY A 1 -13.34 24.37 -15.71
N SER A 2 -12.76 24.03 -14.55
CA SER A 2 -11.39 23.51 -14.52
C SER A 2 -11.12 22.77 -13.21
N SER A 3 -10.40 21.67 -13.30
CA SER A 3 -10.07 20.87 -12.13
C SER A 3 -8.57 20.95 -11.81
N GLY A 4 -8.26 20.96 -10.53
CA GLY A 4 -6.86 21.03 -10.11
C GLY A 4 -6.13 19.72 -10.29
N SER A 5 -5.42 19.59 -11.40
CA SER A 5 -4.68 18.37 -11.69
C SER A 5 -3.34 18.36 -10.96
N SER A 6 -3.30 17.66 -9.83
CA SER A 6 -2.08 17.57 -9.03
C SER A 6 -1.67 16.12 -8.82
N GLY A 7 -0.81 15.61 -9.71
CA GLY A 7 -0.36 14.24 -9.60
C GLY A 7 0.81 13.94 -10.52
N MET A 8 2.02 14.11 -10.00
CA MET A 8 3.24 13.86 -10.78
C MET A 8 3.48 12.36 -10.92
N GLU A 9 3.67 11.68 -9.80
CA GLU A 9 3.92 10.25 -9.80
C GLU A 9 2.86 9.50 -9.00
N PRO A 10 2.68 8.22 -9.31
CA PRO A 10 1.69 7.36 -8.63
C PRO A 10 2.09 7.06 -7.19
N ALA A 11 1.70 7.94 -6.28
CA ALA A 11 2.01 7.77 -4.86
C ALA A 11 1.14 8.69 -3.99
N GLY A 12 0.72 8.18 -2.84
CA GLY A 12 -0.11 8.96 -1.95
C GLY A 12 0.44 8.98 -0.53
N PRO A 13 -0.07 9.91 0.29
CA PRO A 13 0.35 10.06 1.69
C PRO A 13 -0.10 8.88 2.56
N CYS A 14 0.86 8.10 3.03
CA CYS A 14 0.57 6.95 3.88
C CYS A 14 -0.06 7.39 5.20
N GLY A 15 -1.39 7.43 5.24
CA GLY A 15 -2.08 7.84 6.45
C GLY A 15 -1.95 6.82 7.56
N PHE A 16 -2.00 5.55 7.19
CA PHE A 16 -1.88 4.47 8.18
C PHE A 16 -0.83 4.80 9.23
N CYS A 17 0.20 5.53 8.82
CA CYS A 17 1.28 5.92 9.73
C CYS A 17 0.76 6.85 10.82
N PRO A 18 1.47 6.89 11.95
CA PRO A 18 1.10 7.73 13.09
C PRO A 18 1.32 9.22 12.80
N ALA A 19 0.29 10.02 13.07
CA ALA A 19 0.37 11.46 12.84
C ALA A 19 1.81 11.96 12.96
N GLY A 20 2.25 12.73 11.98
CA GLY A 20 3.60 13.26 11.99
C GLY A 20 4.56 12.43 11.16
N GLU A 21 4.49 11.11 11.32
CA GLU A 21 5.36 10.21 10.57
C GLU A 21 4.74 9.83 9.24
N VAL A 22 4.29 10.84 8.49
CA VAL A 22 3.68 10.61 7.19
C VAL A 22 4.73 10.32 6.13
N GLN A 23 4.71 9.11 5.59
CA GLN A 23 5.66 8.70 4.57
C GLN A 23 4.96 8.53 3.21
N PRO A 24 5.75 8.65 2.14
CA PRO A 24 5.23 8.52 0.76
C PRO A 24 4.83 7.09 0.44
N ALA A 25 3.52 6.87 0.29
CA ALA A 25 3.00 5.54 -0.02
C ALA A 25 3.17 5.23 -1.51
N ARG A 26 4.41 5.13 -1.96
CA ARG A 26 4.70 4.84 -3.35
C ARG A 26 4.03 3.54 -3.79
N TYR A 27 3.87 2.61 -2.84
CA TYR A 27 3.25 1.33 -3.13
C TYR A 27 1.78 1.33 -2.71
N THR A 28 1.11 0.21 -2.93
CA THR A 28 -0.30 0.08 -2.59
C THR A 28 -0.73 -1.38 -2.57
N CYS A 29 -1.46 -1.78 -1.53
CA CYS A 29 -1.93 -3.15 -1.39
C CYS A 29 -2.78 -3.56 -2.60
N PRO A 30 -2.24 -4.50 -3.39
CA PRO A 30 -2.92 -4.99 -4.59
C PRO A 30 -4.16 -5.82 -4.25
N ARG A 31 -4.53 -5.84 -2.97
CA ARG A 31 -5.68 -6.61 -2.52
C ARG A 31 -6.80 -5.67 -2.06
N CYS A 32 -6.42 -4.54 -1.48
CA CYS A 32 -7.40 -3.56 -1.00
C CYS A 32 -7.00 -2.15 -1.43
N ASN A 33 -6.12 -2.06 -2.42
CA ASN A 33 -5.67 -0.78 -2.92
C ASN A 33 -5.36 0.18 -1.76
N ALA A 34 -4.51 -0.26 -0.85
CA ALA A 34 -4.14 0.55 0.31
C ALA A 34 -2.72 1.10 0.16
N PRO A 35 -2.61 2.43 0.01
CA PRO A 35 -1.32 3.11 -0.13
C PRO A 35 -0.49 3.08 1.14
N TYR A 36 0.59 2.31 1.13
CA TYR A 36 1.45 2.20 2.29
C TYR A 36 2.87 2.69 1.96
N CYS A 37 3.55 3.22 2.97
CA CYS A 37 4.91 3.72 2.80
C CYS A 37 5.89 2.57 2.64
N SER A 38 5.81 1.58 3.53
CA SER A 38 6.69 0.42 3.49
C SER A 38 5.96 -0.83 3.95
N LEU A 39 6.58 -1.98 3.71
CA LEU A 39 5.99 -3.25 4.10
C LEU A 39 5.43 -3.19 5.51
N ARG A 40 6.09 -2.41 6.37
CA ARG A 40 5.65 -2.26 7.76
C ARG A 40 4.15 -2.00 7.82
N CYS A 41 3.69 -1.00 7.08
CA CYS A 41 2.28 -0.65 7.06
C CYS A 41 1.48 -1.66 6.25
N TYR A 42 2.15 -2.34 5.32
CA TYR A 42 1.50 -3.33 4.48
C TYR A 42 0.96 -4.48 5.32
N ARG A 43 1.54 -4.68 6.49
CA ARG A 43 1.11 -5.74 7.40
C ARG A 43 0.14 -5.21 8.45
N THR A 44 0.34 -3.96 8.86
CA THR A 44 -0.50 -3.33 9.86
C THR A 44 -1.83 -2.90 9.25
N HIS A 45 -1.76 -2.08 8.20
CA HIS A 45 -2.95 -1.59 7.53
C HIS A 45 -4.04 -2.65 7.50
N GLY A 46 -3.67 -3.86 7.07
CA GLY A 46 -4.63 -4.95 6.99
C GLY A 46 -3.95 -6.30 6.94
N THR A 47 -4.76 -7.36 6.89
CA THR A 47 -4.23 -8.72 6.84
C THR A 47 -4.46 -9.34 5.47
N CYS A 48 -4.31 -8.54 4.43
CA CYS A 48 -4.50 -9.01 3.06
C CYS A 48 -3.29 -9.82 2.59
N ALA A 49 -2.11 -9.44 3.07
CA ALA A 49 -0.89 -10.14 2.70
C ALA A 49 -1.05 -11.64 2.83
N GLU A 50 -1.72 -12.08 3.89
CA GLU A 50 -1.94 -13.50 4.13
C GLU A 50 -3.19 -13.98 3.40
N ASN A 51 -3.50 -13.34 2.27
CA ASN A 51 -4.66 -13.71 1.48
C ASN A 51 -4.28 -13.91 0.02
N PHE A 52 -3.36 -13.09 -0.48
CA PHE A 52 -2.91 -13.17 -1.86
C PHE A 52 -1.63 -13.99 -1.97
N TYR A 53 -1.70 -15.09 -2.70
CA TYR A 53 -0.55 -15.97 -2.87
C TYR A 53 0.15 -15.70 -4.21
N SER A 54 1.35 -15.14 -4.13
CA SER A 54 2.11 -14.81 -5.33
C SER A 54 3.06 -15.96 -5.69
N GLY A 55 3.36 -16.08 -6.98
CA GLY A 55 4.24 -17.14 -7.43
C GLY A 55 3.81 -18.51 -6.96
N PRO A 56 3.06 -19.23 -7.80
CA PRO A 56 2.56 -20.57 -7.47
C PRO A 56 3.68 -21.60 -7.42
N SER A 57 3.55 -22.59 -6.53
CA SER A 57 4.55 -23.63 -6.39
C SER A 57 3.89 -25.01 -6.32
N SER A 58 4.46 -25.97 -7.03
CA SER A 58 3.93 -27.32 -7.05
C SER A 58 4.55 -28.17 -5.94
N GLY A 59 3.70 -28.86 -5.20
CA GLY A 59 4.18 -29.71 -4.11
C GLY A 59 4.20 -28.98 -2.78
N GLY A 1 0.11 15.87 -20.38
CA GLY A 1 0.84 15.58 -21.61
C GLY A 1 1.88 14.49 -21.43
N SER A 2 1.46 13.24 -21.56
CA SER A 2 2.36 12.11 -21.40
C SER A 2 1.87 10.89 -22.18
N SER A 3 2.80 10.18 -22.81
CA SER A 3 2.45 9.01 -23.60
C SER A 3 3.60 8.01 -23.62
N GLY A 4 3.27 6.72 -23.56
CA GLY A 4 4.28 5.69 -23.57
C GLY A 4 4.24 4.83 -22.32
N SER A 5 4.60 5.41 -21.18
CA SER A 5 4.61 4.69 -19.92
C SER A 5 3.22 4.15 -19.59
N SER A 6 3.18 3.12 -18.76
CA SER A 6 1.91 2.50 -18.37
C SER A 6 1.31 3.22 -17.17
N GLY A 7 1.41 4.54 -17.17
CA GLY A 7 0.87 5.33 -16.07
C GLY A 7 1.84 5.49 -14.93
N MET A 8 2.47 6.65 -14.84
CA MET A 8 3.43 6.92 -13.78
C MET A 8 2.79 7.71 -12.65
N GLU A 9 1.55 7.37 -12.33
CA GLU A 9 0.82 8.04 -11.26
C GLU A 9 1.73 8.31 -10.07
N PRO A 10 1.58 9.50 -9.46
CA PRO A 10 2.38 9.92 -8.31
C PRO A 10 2.03 9.13 -7.05
N ALA A 11 2.96 9.10 -6.10
CA ALA A 11 2.73 8.38 -4.85
C ALA A 11 1.69 9.08 -3.99
N GLY A 12 1.16 8.35 -3.01
CA GLY A 12 0.14 8.92 -2.13
C GLY A 12 0.61 9.01 -0.69
N PRO A 13 0.01 9.92 0.08
CA PRO A 13 0.35 10.11 1.50
C PRO A 13 -0.10 8.94 2.36
N CYS A 14 0.87 8.20 2.90
CA CYS A 14 0.58 7.05 3.75
C CYS A 14 -0.14 7.50 5.03
N GLY A 15 -1.45 7.29 5.07
CA GLY A 15 -2.22 7.66 6.24
C GLY A 15 -2.03 6.70 7.39
N PHE A 16 -2.07 5.41 7.09
CA PHE A 16 -1.90 4.38 8.12
C PHE A 16 -0.92 4.84 9.20
N CYS A 17 0.13 5.54 8.77
CA CYS A 17 1.14 6.04 9.70
C CYS A 17 0.52 7.02 10.70
N PRO A 18 1.16 7.14 11.87
CA PRO A 18 0.69 8.03 12.93
C PRO A 18 0.88 9.50 12.57
N ALA A 19 -0.18 10.29 12.74
CA ALA A 19 -0.13 11.72 12.43
C ALA A 19 1.28 12.27 12.59
N GLY A 20 1.73 13.03 11.60
CA GLY A 20 3.06 13.60 11.65
C GLY A 20 4.08 12.76 10.93
N GLU A 21 4.07 11.45 11.18
CA GLU A 21 5.01 10.54 10.54
C GLU A 21 4.48 10.08 9.19
N VAL A 22 3.94 11.01 8.41
CA VAL A 22 3.40 10.70 7.09
C VAL A 22 4.51 10.40 6.10
N GLN A 23 4.46 9.22 5.50
CA GLN A 23 5.47 8.80 4.53
C GLN A 23 4.84 8.59 3.16
N PRO A 24 5.66 8.69 2.11
CA PRO A 24 5.21 8.51 0.72
C PRO A 24 4.85 7.06 0.42
N ALA A 25 3.55 6.79 0.36
CA ALA A 25 3.06 5.44 0.08
C ALA A 25 3.20 5.12 -1.40
N ARG A 26 4.44 4.99 -1.87
CA ARG A 26 4.71 4.68 -3.27
C ARG A 26 4.08 3.35 -3.66
N TYR A 27 3.88 2.48 -2.67
CA TYR A 27 3.29 1.17 -2.92
C TYR A 27 1.82 1.14 -2.46
N THR A 28 1.11 0.10 -2.87
CA THR A 28 -0.29 -0.05 -2.51
C THR A 28 -0.69 -1.52 -2.44
N CYS A 29 -1.54 -1.86 -1.48
CA CYS A 29 -2.00 -3.22 -1.31
C CYS A 29 -2.83 -3.68 -2.52
N PRO A 30 -2.32 -4.69 -3.23
CA PRO A 30 -2.99 -5.24 -4.42
C PRO A 30 -4.26 -6.01 -4.06
N ARG A 31 -4.63 -5.96 -2.78
CA ARG A 31 -5.83 -6.66 -2.31
C ARG A 31 -6.93 -5.66 -1.94
N CYS A 32 -6.52 -4.53 -1.38
CA CYS A 32 -7.47 -3.49 -0.98
C CYS A 32 -6.99 -2.11 -1.42
N ASN A 33 -6.15 -2.09 -2.45
CA ASN A 33 -5.61 -0.83 -2.97
C ASN A 33 -5.33 0.15 -1.84
N ALA A 34 -4.53 -0.29 -0.88
CA ALA A 34 -4.18 0.55 0.27
C ALA A 34 -2.74 1.04 0.16
N PRO A 35 -2.58 2.38 0.01
CA PRO A 35 -1.26 3.00 -0.12
C PRO A 35 -0.47 2.95 1.20
N TYR A 36 0.68 2.31 1.16
CA TYR A 36 1.53 2.18 2.34
C TYR A 36 2.94 2.68 2.05
N CYS A 37 3.59 3.23 3.08
CA CYS A 37 4.95 3.73 2.93
C CYS A 37 5.95 2.59 2.81
N SER A 38 5.84 1.61 3.70
CA SER A 38 6.73 0.45 3.69
C SER A 38 5.98 -0.81 4.11
N LEU A 39 6.67 -1.95 4.03
CA LEU A 39 6.08 -3.23 4.41
C LEU A 39 5.42 -3.15 5.78
N ARG A 40 6.10 -2.48 6.71
CA ARG A 40 5.57 -2.32 8.07
C ARG A 40 4.10 -1.90 8.03
N CYS A 41 3.77 -1.01 7.10
CA CYS A 41 2.40 -0.53 6.98
C CYS A 41 1.56 -1.49 6.13
N TYR A 42 2.16 -2.01 5.06
CA TYR A 42 1.47 -2.94 4.18
C TYR A 42 0.92 -4.14 4.96
N ARG A 43 1.56 -4.45 6.08
CA ARG A 43 1.14 -5.56 6.92
C ARG A 43 0.22 -5.08 8.04
N THR A 44 0.51 -3.90 8.57
CA THR A 44 -0.28 -3.33 9.65
C THR A 44 -1.66 -2.91 9.16
N HIS A 45 -1.70 -2.09 8.12
CA HIS A 45 -2.95 -1.61 7.55
C HIS A 45 -4.01 -2.72 7.61
N GLY A 46 -3.68 -3.88 7.06
CA GLY A 46 -4.61 -4.99 7.05
C GLY A 46 -3.92 -6.33 6.88
N THR A 47 -4.69 -7.41 6.93
CA THR A 47 -4.15 -8.75 6.78
C THR A 47 -4.52 -9.35 5.44
N CYS A 48 -4.39 -8.54 4.37
CA CYS A 48 -4.72 -9.00 3.03
C CYS A 48 -3.62 -9.90 2.48
N ALA A 49 -2.37 -9.54 2.75
CA ALA A 49 -1.24 -10.33 2.29
C ALA A 49 -1.38 -11.80 2.67
N GLU A 50 -1.82 -12.04 3.90
CA GLU A 50 -2.01 -13.40 4.39
C GLU A 50 -2.47 -14.33 3.28
N ASN A 51 -3.62 -14.02 2.69
CA ASN A 51 -4.17 -14.82 1.61
C ASN A 51 -3.32 -14.70 0.35
N PHE A 52 -2.86 -13.48 0.07
CA PHE A 52 -2.03 -13.22 -1.10
C PHE A 52 -1.00 -14.33 -1.29
N TYR A 53 -0.25 -14.63 -0.23
CA TYR A 53 0.78 -15.66 -0.28
C TYR A 53 0.45 -16.80 0.68
N SER A 54 1.24 -17.87 0.62
CA SER A 54 1.03 -19.02 1.47
C SER A 54 -0.44 -19.45 1.47
N GLY A 55 -1.06 -19.40 0.30
CA GLY A 55 -2.46 -19.79 0.20
C GLY A 55 -2.74 -20.60 -1.05
N PRO A 56 -3.78 -21.45 -0.98
CA PRO A 56 -4.18 -22.31 -2.11
C PRO A 56 -4.77 -21.51 -3.26
N SER A 57 -3.90 -21.03 -4.14
CA SER A 57 -4.34 -20.25 -5.30
C SER A 57 -3.87 -20.88 -6.60
N SER A 58 -4.81 -21.13 -7.51
CA SER A 58 -4.48 -21.74 -8.79
C SER A 58 -4.01 -23.18 -8.61
N GLY A 59 -4.68 -23.91 -7.73
CA GLY A 59 -4.32 -25.29 -7.47
C GLY A 59 -3.76 -25.49 -6.08
N GLY A 1 -12.98 24.15 0.40
CA GLY A 1 -12.56 22.84 0.87
C GLY A 1 -13.00 21.72 -0.06
N SER A 2 -12.29 21.58 -1.17
CA SER A 2 -12.62 20.54 -2.15
C SER A 2 -11.35 20.00 -2.81
N SER A 3 -11.19 18.69 -2.76
CA SER A 3 -10.02 18.04 -3.35
C SER A 3 -9.87 18.41 -4.83
N GLY A 4 -8.67 18.23 -5.36
CA GLY A 4 -8.42 18.55 -6.75
C GLY A 4 -7.91 17.36 -7.54
N SER A 5 -7.39 17.61 -8.73
CA SER A 5 -6.86 16.56 -9.59
C SER A 5 -5.35 16.42 -9.42
N SER A 6 -4.94 15.57 -8.50
CA SER A 6 -3.52 15.35 -8.25
C SER A 6 -2.79 15.00 -9.54
N GLY A 7 -1.46 15.17 -9.52
CA GLY A 7 -0.66 14.86 -10.69
C GLY A 7 0.81 15.17 -10.49
N MET A 8 1.34 14.74 -9.35
CA MET A 8 2.75 14.96 -9.03
C MET A 8 3.54 13.66 -9.11
N GLU A 9 2.96 12.60 -8.55
CA GLU A 9 3.62 11.29 -8.55
C GLU A 9 2.60 10.17 -8.36
N PRO A 10 2.84 9.04 -9.04
CA PRO A 10 1.96 7.87 -8.98
C PRO A 10 2.01 7.19 -7.62
N ALA A 11 1.29 7.75 -6.65
CA ALA A 11 1.25 7.18 -5.30
C ALA A 11 0.27 7.94 -4.42
N GLY A 12 0.07 7.45 -3.20
CA GLY A 12 -0.84 8.08 -2.27
C GLY A 12 -0.25 8.24 -0.89
N PRO A 13 -0.81 9.18 -0.11
CA PRO A 13 -0.34 9.45 1.26
C PRO A 13 -0.69 8.32 2.22
N CYS A 14 0.35 7.71 2.79
CA CYS A 14 0.15 6.61 3.73
C CYS A 14 -0.57 7.07 4.99
N GLY A 15 -1.90 7.04 4.95
CA GLY A 15 -2.69 7.47 6.08
C GLY A 15 -2.48 6.59 7.30
N PHE A 16 -2.32 5.29 7.08
CA PHE A 16 -2.11 4.34 8.16
C PHE A 16 -1.14 4.90 9.19
N CYS A 17 -0.08 5.53 8.71
CA CYS A 17 0.93 6.10 9.60
C CYS A 17 0.30 7.08 10.58
N PRO A 18 0.97 7.29 11.72
CA PRO A 18 0.49 8.19 12.77
C PRO A 18 0.55 9.66 12.35
N ALA A 19 -0.54 10.38 12.59
CA ALA A 19 -0.62 11.79 12.24
C ALA A 19 0.75 12.46 12.35
N GLY A 20 1.11 13.24 11.34
CA GLY A 20 2.39 13.92 11.35
C GLY A 20 3.47 13.14 10.62
N GLU A 21 3.42 11.82 10.74
CA GLU A 21 4.40 10.96 10.08
C GLU A 21 3.86 10.41 8.76
N VAL A 22 3.14 11.27 8.04
CA VAL A 22 2.56 10.87 6.75
C VAL A 22 3.63 10.77 5.67
N GLN A 23 3.80 9.58 5.12
CA GLN A 23 4.79 9.36 4.08
C GLN A 23 4.12 8.99 2.75
N PRO A 24 4.81 9.27 1.64
CA PRO A 24 4.29 8.99 0.30
C PRO A 24 4.25 7.49 0.00
N ALA A 25 3.06 6.91 0.08
CA ALA A 25 2.88 5.48 -0.18
C ALA A 25 3.35 5.13 -1.58
N ARG A 26 4.64 4.88 -1.73
CA ARG A 26 5.21 4.51 -3.02
C ARG A 26 4.48 3.33 -3.64
N TYR A 27 3.98 2.44 -2.78
CA TYR A 27 3.26 1.27 -3.24
C TYR A 27 1.83 1.27 -2.72
N THR A 28 1.11 0.18 -2.97
CA THR A 28 -0.28 0.06 -2.53
C THR A 28 -0.73 -1.40 -2.56
N CYS A 29 -1.58 -1.77 -1.60
CA CYS A 29 -2.09 -3.12 -1.51
C CYS A 29 -2.87 -3.50 -2.77
N PRO A 30 -2.34 -4.48 -3.52
CA PRO A 30 -2.97 -4.95 -4.76
C PRO A 30 -4.27 -5.70 -4.50
N ARG A 31 -4.71 -5.71 -3.25
CA ARG A 31 -5.94 -6.39 -2.87
C ARG A 31 -6.98 -5.40 -2.37
N CYS A 32 -6.54 -4.43 -1.57
CA CYS A 32 -7.44 -3.41 -1.03
C CYS A 32 -6.94 -2.01 -1.35
N ASN A 33 -6.16 -1.91 -2.43
CA ASN A 33 -5.61 -0.62 -2.85
C ASN A 33 -5.27 0.25 -1.65
N ALA A 34 -4.46 -0.30 -0.74
CA ALA A 34 -4.05 0.42 0.46
C ALA A 34 -2.65 1.00 0.31
N PRO A 35 -2.56 2.34 0.21
CA PRO A 35 -1.29 3.04 0.06
C PRO A 35 -0.43 2.97 1.32
N TYR A 36 0.61 2.15 1.28
CA TYR A 36 1.51 1.99 2.42
C TYR A 36 2.90 2.54 2.11
N CYS A 37 3.46 3.29 3.05
CA CYS A 37 4.78 3.88 2.87
C CYS A 37 5.83 2.78 2.72
N SER A 38 5.66 1.70 3.46
CA SER A 38 6.60 0.58 3.42
C SER A 38 5.91 -0.73 3.80
N LEU A 39 6.67 -1.82 3.75
CA LEU A 39 6.13 -3.14 4.09
C LEU A 39 5.55 -3.14 5.50
N ARG A 40 6.22 -2.45 6.41
CA ARG A 40 5.77 -2.37 7.79
C ARG A 40 4.29 -2.03 7.87
N CYS A 41 3.91 -0.94 7.21
CA CYS A 41 2.52 -0.51 7.20
C CYS A 41 1.65 -1.46 6.39
N TYR A 42 2.22 -2.01 5.31
CA TYR A 42 1.51 -2.93 4.45
C TYR A 42 0.92 -4.08 5.25
N ARG A 43 1.55 -4.39 6.39
CA ARG A 43 1.08 -5.47 7.25
C ARG A 43 0.14 -4.94 8.32
N THR A 44 0.37 -3.69 8.74
CA THR A 44 -0.46 -3.06 9.76
C THR A 44 -1.82 -2.69 9.22
N HIS A 45 -1.83 -1.92 8.13
CA HIS A 45 -3.08 -1.48 7.51
C HIS A 45 -4.12 -2.60 7.55
N GLY A 46 -3.75 -3.77 7.02
CA GLY A 46 -4.66 -4.89 7.00
C GLY A 46 -3.95 -6.23 6.94
N THR A 47 -4.70 -7.30 6.72
CA THR A 47 -4.12 -8.63 6.64
C THR A 47 -4.36 -9.26 5.27
N CYS A 48 -4.12 -8.48 4.23
CA CYS A 48 -4.32 -8.95 2.86
C CYS A 48 -3.06 -9.66 2.35
N ALA A 49 -2.39 -10.37 3.24
CA ALA A 49 -1.18 -11.09 2.89
C ALA A 49 -1.32 -12.59 3.16
N GLU A 50 -2.06 -12.91 4.22
CA GLU A 50 -2.28 -14.31 4.59
C GLU A 50 -2.75 -15.13 3.39
N ASN A 51 -3.52 -14.50 2.52
CA ASN A 51 -4.04 -15.16 1.32
C ASN A 51 -3.83 -14.30 0.09
N PHE A 52 -2.58 -14.22 -0.37
CA PHE A 52 -2.25 -13.43 -1.55
C PHE A 52 -1.44 -14.26 -2.54
N TYR A 53 -0.55 -15.10 -2.03
CA TYR A 53 0.30 -15.94 -2.87
C TYR A 53 -0.40 -17.26 -3.17
N SER A 54 0.18 -18.04 -4.08
CA SER A 54 -0.38 -19.33 -4.46
C SER A 54 0.65 -20.44 -4.28
N GLY A 55 0.71 -21.01 -3.09
CA GLY A 55 1.65 -22.07 -2.81
C GLY A 55 1.49 -23.25 -3.75
N PRO A 56 2.10 -24.39 -3.39
CA PRO A 56 2.03 -25.61 -4.21
C PRO A 56 0.64 -26.23 -4.20
N SER A 57 -0.14 -25.92 -5.23
CA SER A 57 -1.50 -26.44 -5.35
C SER A 57 -1.57 -27.55 -6.40
N SER A 58 -1.19 -27.21 -7.62
CA SER A 58 -1.21 -28.17 -8.72
C SER A 58 0.03 -29.05 -8.70
N GLY A 59 -0.04 -30.13 -7.92
CA GLY A 59 1.10 -31.04 -7.82
C GLY A 59 0.98 -31.97 -6.63
N GLY A 1 6.46 9.95 -27.19
CA GLY A 1 6.82 11.28 -26.77
C GLY A 1 5.81 11.90 -25.80
N SER A 2 5.80 11.40 -24.56
CA SER A 2 4.87 11.89 -23.56
C SER A 2 3.52 12.24 -24.19
N SER A 3 3.06 11.36 -25.07
CA SER A 3 1.77 11.58 -25.74
C SER A 3 1.11 10.25 -26.09
N GLY A 4 -0.06 10.01 -25.52
CA GLY A 4 -0.77 8.77 -25.78
C GLY A 4 -1.59 8.31 -24.59
N SER A 5 -1.47 7.02 -24.26
CA SER A 5 -2.21 6.46 -23.14
C SER A 5 -1.83 7.15 -21.84
N SER A 6 -0.55 7.15 -21.52
CA SER A 6 -0.06 7.78 -20.30
C SER A 6 -0.71 7.17 -19.07
N GLY A 7 -0.82 5.83 -19.07
CA GLY A 7 -1.41 5.14 -17.95
C GLY A 7 -0.54 5.14 -16.72
N MET A 8 -0.30 6.31 -16.15
CA MET A 8 0.54 6.44 -14.97
C MET A 8 -0.12 7.34 -13.92
N GLU A 9 0.05 6.99 -12.65
CA GLU A 9 -0.54 7.77 -11.57
C GLU A 9 0.49 8.02 -10.47
N PRO A 10 0.42 9.21 -9.86
CA PRO A 10 1.34 9.62 -8.80
C PRO A 10 1.11 8.83 -7.50
N ALA A 11 2.13 8.77 -6.66
CA ALA A 11 2.04 8.06 -5.39
C ALA A 11 1.07 8.75 -4.44
N GLY A 12 0.82 8.12 -3.30
CA GLY A 12 -0.10 8.69 -2.32
C GLY A 12 0.50 8.73 -0.93
N PRO A 13 0.08 9.73 -0.13
CA PRO A 13 0.57 9.90 1.24
C PRO A 13 0.06 8.81 2.18
N CYS A 14 0.98 8.00 2.69
CA CYS A 14 0.62 6.91 3.59
C CYS A 14 -0.07 7.45 4.83
N GLY A 15 -1.38 7.23 4.92
CA GLY A 15 -2.14 7.70 6.06
C GLY A 15 -2.02 6.78 7.26
N PHE A 16 -2.03 5.48 7.01
CA PHE A 16 -1.93 4.50 8.08
C PHE A 16 -0.91 4.94 9.13
N CYS A 17 0.13 5.62 8.67
CA CYS A 17 1.18 6.10 9.57
C CYS A 17 0.60 7.04 10.63
N PRO A 18 1.32 7.17 11.75
CA PRO A 18 0.90 8.04 12.86
C PRO A 18 0.99 9.52 12.51
N ALA A 19 -0.08 10.25 12.78
CA ALA A 19 -0.12 11.68 12.49
C ALA A 19 1.25 12.32 12.71
N GLY A 20 1.81 12.89 11.65
CA GLY A 20 3.11 13.53 11.75
C GLY A 20 4.17 12.81 10.95
N GLU A 21 4.20 11.49 11.07
CA GLU A 21 5.18 10.67 10.36
C GLU A 21 4.63 10.22 9.01
N VAL A 22 4.02 11.14 8.28
CA VAL A 22 3.45 10.83 6.97
C VAL A 22 4.54 10.53 5.95
N GLN A 23 4.51 9.33 5.39
CA GLN A 23 5.49 8.91 4.40
C GLN A 23 4.84 8.70 3.04
N PRO A 24 5.65 8.81 1.97
CA PRO A 24 5.17 8.64 0.60
C PRO A 24 4.81 7.19 0.29
N ALA A 25 3.51 6.91 0.22
CA ALA A 25 3.03 5.56 -0.07
C ALA A 25 3.23 5.22 -1.54
N ARG A 26 4.48 4.95 -1.92
CA ARG A 26 4.80 4.61 -3.30
C ARG A 26 4.16 3.28 -3.69
N TYR A 27 3.86 2.46 -2.69
CA TYR A 27 3.25 1.15 -2.93
C TYR A 27 1.79 1.15 -2.47
N THR A 28 1.04 0.13 -2.91
CA THR A 28 -0.36 0.01 -2.54
C THR A 28 -0.77 -1.46 -2.49
N CYS A 29 -1.67 -1.77 -1.56
CA CYS A 29 -2.15 -3.14 -1.39
C CYS A 29 -2.92 -3.60 -2.63
N PRO A 30 -2.37 -4.62 -3.31
CA PRO A 30 -2.97 -5.18 -4.52
C PRO A 30 -4.27 -5.94 -4.23
N ARG A 31 -4.70 -5.89 -2.97
CA ARG A 31 -5.92 -6.57 -2.56
C ARG A 31 -6.98 -5.56 -2.12
N CYS A 32 -6.54 -4.51 -1.44
CA CYS A 32 -7.44 -3.48 -0.95
C CYS A 32 -6.95 -2.09 -1.36
N ASN A 33 -6.19 -2.03 -2.45
CA ASN A 33 -5.66 -0.77 -2.93
C ASN A 33 -5.35 0.18 -1.78
N ALA A 34 -4.53 -0.29 -0.84
CA ALA A 34 -4.16 0.51 0.31
C ALA A 34 -2.73 1.04 0.17
N PRO A 35 -2.61 2.36 0.00
CA PRO A 35 -1.30 3.02 -0.15
C PRO A 35 -0.49 3.00 1.15
N TYR A 36 0.62 2.28 1.14
CA TYR A 36 1.48 2.19 2.32
C TYR A 36 2.89 2.66 1.99
N CYS A 37 3.55 3.26 2.99
CA CYS A 37 4.90 3.75 2.81
C CYS A 37 5.89 2.60 2.64
N SER A 38 5.80 1.61 3.52
CA SER A 38 6.68 0.45 3.48
C SER A 38 5.95 -0.82 3.89
N LEU A 39 6.68 -1.92 3.95
CA LEU A 39 6.09 -3.20 4.34
C LEU A 39 5.49 -3.13 5.73
N ARG A 40 6.17 -2.42 6.63
CA ARG A 40 5.70 -2.27 8.00
C ARG A 40 4.22 -1.90 8.04
N CYS A 41 3.83 -0.97 7.17
CA CYS A 41 2.44 -0.53 7.10
C CYS A 41 1.59 -1.52 6.31
N TYR A 42 2.15 -2.04 5.23
CA TYR A 42 1.46 -3.00 4.39
C TYR A 42 0.88 -4.15 5.22
N ARG A 43 1.50 -4.40 6.37
CA ARG A 43 1.06 -5.47 7.25
C ARG A 43 0.14 -4.92 8.34
N THR A 44 0.45 -3.72 8.82
CA THR A 44 -0.35 -3.08 9.86
C THR A 44 -1.72 -2.65 9.33
N HIS A 45 -1.70 -1.85 8.27
CA HIS A 45 -2.94 -1.36 7.67
C HIS A 45 -4.03 -2.44 7.73
N GLY A 46 -3.70 -3.64 7.25
CA GLY A 46 -4.66 -4.73 7.27
C GLY A 46 -4.02 -6.06 6.99
N THR A 47 -4.83 -7.12 6.99
CA THR A 47 -4.33 -8.47 6.73
C THR A 47 -4.71 -8.93 5.34
N CYS A 48 -3.94 -8.52 4.34
CA CYS A 48 -4.19 -8.88 2.95
C CYS A 48 -2.98 -9.57 2.34
N ALA A 49 -2.21 -10.27 3.18
CA ALA A 49 -1.02 -10.97 2.73
C ALA A 49 -1.26 -12.48 2.69
N GLU A 50 -1.98 -12.99 3.69
CA GLU A 50 -2.27 -14.42 3.76
C GLU A 50 -2.73 -14.95 2.41
N ASN A 51 -3.44 -14.11 1.65
CA ASN A 51 -3.92 -14.50 0.34
C ASN A 51 -3.37 -13.58 -0.74
N PHE A 52 -2.09 -13.27 -0.66
CA PHE A 52 -1.44 -12.40 -1.62
C PHE A 52 -0.41 -13.17 -2.45
N TYR A 53 0.50 -13.85 -1.75
CA TYR A 53 1.54 -14.62 -2.41
C TYR A 53 1.05 -16.02 -2.76
N SER A 54 0.60 -16.19 -4.00
CA SER A 54 0.10 -17.48 -4.46
C SER A 54 -0.61 -18.22 -3.33
N GLY A 55 -1.53 -17.52 -2.65
CA GLY A 55 -2.26 -18.13 -1.55
C GLY A 55 -3.51 -18.84 -2.02
N PRO A 56 -3.55 -20.16 -1.81
CA PRO A 56 -4.70 -20.99 -2.21
C PRO A 56 -5.94 -20.72 -1.35
N SER A 57 -6.98 -21.52 -1.55
CA SER A 57 -8.22 -21.36 -0.80
C SER A 57 -8.13 -22.09 0.54
N SER A 58 -7.02 -21.90 1.24
CA SER A 58 -6.82 -22.54 2.53
C SER A 58 -7.05 -21.55 3.67
N GLY A 59 -7.83 -21.96 4.66
CA GLY A 59 -8.12 -21.11 5.79
C GLY A 59 -9.58 -21.16 6.20
N GLY A 1 -4.45 11.19 -10.46
CA GLY A 1 -5.07 11.26 -11.78
C GLY A 1 -4.17 11.89 -12.81
N SER A 2 -4.10 11.29 -13.99
CA SER A 2 -3.27 11.79 -15.07
C SER A 2 -3.70 11.22 -16.42
N SER A 3 -3.93 12.10 -17.38
CA SER A 3 -4.35 11.69 -18.71
C SER A 3 -3.56 10.47 -19.18
N GLY A 4 -4.11 9.74 -20.14
CA GLY A 4 -3.44 8.58 -20.67
C GLY A 4 -3.80 7.31 -19.91
N SER A 5 -3.38 7.23 -18.66
CA SER A 5 -3.67 6.07 -17.83
C SER A 5 -2.86 4.86 -18.29
N SER A 6 -1.59 5.10 -18.61
CA SER A 6 -0.70 4.04 -19.06
C SER A 6 0.75 4.38 -18.76
N GLY A 7 1.43 3.47 -18.04
CA GLY A 7 2.82 3.69 -17.69
C GLY A 7 3.12 3.35 -16.25
N MET A 8 3.39 4.37 -15.44
CA MET A 8 3.69 4.17 -14.04
C MET A 8 2.50 4.56 -13.16
N GLU A 9 2.30 3.84 -12.07
CA GLU A 9 1.21 4.11 -11.14
C GLU A 9 1.60 5.18 -10.13
N PRO A 10 0.65 6.08 -9.83
CA PRO A 10 0.87 7.17 -8.87
C PRO A 10 1.00 6.66 -7.43
N ALA A 11 1.29 7.57 -6.52
CA ALA A 11 1.44 7.22 -5.11
C ALA A 11 0.48 8.03 -4.23
N GLY A 12 0.28 7.58 -3.00
CA GLY A 12 -0.61 8.28 -2.09
C GLY A 12 -0.03 8.40 -0.70
N PRO A 13 -0.54 9.37 0.09
CA PRO A 13 -0.08 9.61 1.45
C PRO A 13 -0.50 8.49 2.40
N CYS A 14 0.49 7.72 2.86
CA CYS A 14 0.22 6.62 3.79
C CYS A 14 -0.49 7.10 5.04
N GLY A 15 -1.83 7.06 5.00
CA GLY A 15 -2.61 7.50 6.14
C GLY A 15 -2.42 6.61 7.36
N PHE A 16 -2.26 5.31 7.12
CA PHE A 16 -2.06 4.36 8.21
C PHE A 16 -1.07 4.90 9.23
N CYS A 17 -0.08 5.65 8.75
CA CYS A 17 0.94 6.22 9.63
C CYS A 17 0.36 7.34 10.47
N PRO A 18 1.01 7.62 11.62
CA PRO A 18 0.58 8.68 12.54
C PRO A 18 0.79 10.08 11.96
N ALA A 19 0.05 11.05 12.48
CA ALA A 19 0.15 12.42 12.02
C ALA A 19 1.61 12.85 11.92
N GLY A 20 1.91 13.68 10.92
CA GLY A 20 3.27 14.16 10.74
C GLY A 20 4.14 13.14 10.03
N GLU A 21 4.22 11.93 10.57
CA GLU A 21 5.03 10.87 9.99
C GLU A 21 4.53 10.52 8.59
N VAL A 22 3.38 11.07 8.21
CA VAL A 22 2.80 10.82 6.90
C VAL A 22 3.88 10.69 5.84
N GLN A 23 3.93 9.54 5.19
CA GLN A 23 4.92 9.30 4.15
C GLN A 23 4.24 8.99 2.82
N PRO A 24 4.93 9.32 1.72
CA PRO A 24 4.42 9.09 0.36
C PRO A 24 4.35 7.61 0.01
N ALA A 25 3.18 7.01 0.20
CA ALA A 25 2.99 5.60 -0.11
C ALA A 25 3.35 5.29 -1.55
N ARG A 26 4.59 4.86 -1.77
CA ARG A 26 5.05 4.53 -3.11
C ARG A 26 4.37 3.28 -3.64
N TYR A 27 3.99 2.38 -2.72
CA TYR A 27 3.32 1.14 -3.10
C TYR A 27 1.87 1.16 -2.67
N THR A 28 1.18 0.04 -2.87
CA THR A 28 -0.22 -0.08 -2.50
C THR A 28 -0.66 -1.54 -2.49
N CYS A 29 -1.59 -1.86 -1.59
CA CYS A 29 -2.10 -3.22 -1.47
C CYS A 29 -2.84 -3.64 -2.75
N PRO A 30 -2.33 -4.66 -3.43
CA PRO A 30 -2.91 -5.17 -4.67
C PRO A 30 -4.24 -5.89 -4.42
N ARG A 31 -4.73 -5.80 -3.19
CA ARG A 31 -5.99 -6.44 -2.83
C ARG A 31 -7.01 -5.41 -2.37
N CYS A 32 -6.57 -4.45 -1.57
CA CYS A 32 -7.45 -3.41 -1.06
C CYS A 32 -6.90 -2.02 -1.40
N ASN A 33 -6.12 -1.96 -2.48
CA ASN A 33 -5.53 -0.69 -2.91
C ASN A 33 -5.20 0.19 -1.71
N ALA A 34 -4.42 -0.35 -0.79
CA ALA A 34 -4.02 0.39 0.40
C ALA A 34 -2.62 0.98 0.25
N PRO A 35 -2.56 2.31 0.10
CA PRO A 35 -1.28 3.02 -0.06
C PRO A 35 -0.45 3.02 1.21
N TYR A 36 0.55 2.15 1.27
CA TYR A 36 1.42 2.05 2.44
C TYR A 36 2.82 2.58 2.13
N CYS A 37 3.43 3.23 3.11
CA CYS A 37 4.77 3.79 2.95
C CYS A 37 5.81 2.67 2.78
N SER A 38 5.69 1.64 3.60
CA SER A 38 6.61 0.51 3.55
C SER A 38 5.92 -0.78 3.96
N LEU A 39 6.64 -1.89 3.83
CA LEU A 39 6.10 -3.20 4.19
C LEU A 39 5.44 -3.17 5.57
N ARG A 40 6.14 -2.57 6.53
CA ARG A 40 5.63 -2.47 7.89
C ARG A 40 4.13 -2.16 7.89
N CYS A 41 3.76 -1.09 7.21
CA CYS A 41 2.35 -0.68 7.13
C CYS A 41 1.55 -1.66 6.28
N TYR A 42 2.11 -2.03 5.13
CA TYR A 42 1.45 -2.96 4.22
C TYR A 42 0.92 -4.16 4.98
N ARG A 43 1.53 -4.47 6.11
CA ARG A 43 1.11 -5.60 6.93
C ARG A 43 0.18 -5.15 8.05
N THR A 44 0.47 -3.99 8.63
CA THR A 44 -0.34 -3.45 9.71
C THR A 44 -1.71 -3.01 9.20
N HIS A 45 -1.71 -2.15 8.20
CA HIS A 45 -2.96 -1.66 7.61
C HIS A 45 -4.02 -2.75 7.59
N GLY A 46 -3.69 -3.87 6.97
CA GLY A 46 -4.62 -4.99 6.88
C GLY A 46 -3.91 -6.31 6.68
N THR A 47 -4.61 -7.40 6.99
CA THR A 47 -4.06 -8.74 6.85
C THR A 47 -4.40 -9.33 5.48
N CYS A 48 -4.33 -8.51 4.44
CA CYS A 48 -4.63 -8.95 3.09
C CYS A 48 -3.52 -9.85 2.56
N ALA A 49 -2.28 -9.57 2.94
CA ALA A 49 -1.14 -10.35 2.51
C ALA A 49 -1.25 -11.80 3.01
N GLU A 50 -1.66 -11.95 4.25
CA GLU A 50 -1.81 -13.28 4.85
C GLU A 50 -2.67 -14.18 3.97
N ASN A 51 -3.74 -13.61 3.44
CA ASN A 51 -4.65 -14.37 2.58
C ASN A 51 -4.47 -13.97 1.12
N PHE A 52 -3.23 -13.71 0.72
CA PHE A 52 -2.93 -13.32 -0.65
C PHE A 52 -2.09 -14.39 -1.35
N TYR A 53 -0.99 -14.78 -0.70
CA TYR A 53 -0.10 -15.78 -1.25
C TYR A 53 -0.61 -17.19 -0.95
N SER A 54 -0.96 -17.93 -2.02
CA SER A 54 -1.48 -19.28 -1.87
C SER A 54 -0.53 -20.13 -1.02
N GLY A 55 -1.09 -21.10 -0.33
CA GLY A 55 -0.29 -21.97 0.52
C GLY A 55 -0.30 -23.41 0.05
N PRO A 56 -0.80 -24.31 0.91
CA PRO A 56 -0.89 -25.74 0.59
C PRO A 56 -1.91 -26.04 -0.48
N SER A 57 -1.47 -26.00 -1.74
CA SER A 57 -2.35 -26.26 -2.87
C SER A 57 -2.73 -27.73 -2.93
N SER A 58 -1.72 -28.60 -2.89
CA SER A 58 -1.95 -30.04 -2.94
C SER A 58 -2.79 -30.42 -4.16
N GLY A 59 -2.47 -29.80 -5.30
CA GLY A 59 -3.20 -30.08 -6.52
C GLY A 59 -3.19 -28.92 -7.48
N GLY A 1 -1.22 24.08 -20.56
CA GLY A 1 -2.17 22.97 -20.56
C GLY A 1 -1.48 21.62 -20.48
N SER A 2 -2.26 20.56 -20.42
CA SER A 2 -1.72 19.20 -20.34
C SER A 2 -2.70 18.19 -20.92
N SER A 3 -2.29 17.51 -21.99
CA SER A 3 -3.13 16.51 -22.63
C SER A 3 -2.43 15.16 -22.69
N GLY A 4 -2.85 14.24 -21.82
CA GLY A 4 -2.24 12.92 -21.79
C GLY A 4 -1.63 12.60 -20.45
N SER A 5 -2.37 12.87 -19.38
CA SER A 5 -1.90 12.60 -18.02
C SER A 5 -2.33 11.21 -17.56
N SER A 6 -1.59 10.19 -17.98
CA SER A 6 -1.90 8.82 -17.60
C SER A 6 -0.68 7.93 -17.73
N GLY A 7 -0.83 6.66 -17.38
CA GLY A 7 0.27 5.71 -17.47
C GLY A 7 0.66 5.16 -16.13
N MET A 8 1.24 6.00 -15.28
CA MET A 8 1.66 5.57 -13.94
C MET A 8 0.96 6.38 -12.86
N GLU A 9 -0.24 5.95 -12.48
CA GLU A 9 -1.01 6.64 -11.45
C GLU A 9 -0.10 7.13 -10.32
N PRO A 10 -0.35 8.36 -9.86
CA PRO A 10 0.44 8.98 -8.79
C PRO A 10 0.18 8.33 -7.44
N ALA A 11 1.25 7.90 -6.78
CA ALA A 11 1.14 7.26 -5.48
C ALA A 11 0.38 8.13 -4.49
N GLY A 12 0.22 7.65 -3.27
CA GLY A 12 -0.50 8.40 -2.26
C GLY A 12 0.21 8.37 -0.91
N PRO A 13 -0.08 9.38 -0.07
CA PRO A 13 0.52 9.49 1.26
C PRO A 13 0.02 8.42 2.22
N CYS A 14 0.93 7.54 2.63
CA CYS A 14 0.58 6.45 3.55
C CYS A 14 -0.36 6.94 4.65
N GLY A 15 -1.64 6.63 4.50
CA GLY A 15 -2.62 7.05 5.49
C GLY A 15 -2.77 6.06 6.62
N PHE A 16 -1.64 5.51 7.09
CA PHE A 16 -1.65 4.55 8.18
C PHE A 16 -0.65 4.94 9.26
N CYS A 17 0.45 5.54 8.84
CA CYS A 17 1.49 5.96 9.77
C CYS A 17 0.92 6.90 10.83
N PRO A 18 1.63 7.03 11.97
CA PRO A 18 1.22 7.89 13.07
C PRO A 18 1.33 9.37 12.73
N ALA A 19 0.28 10.12 13.04
CA ALA A 19 0.25 11.56 12.76
C ALA A 19 1.66 12.16 12.85
N GLY A 20 2.02 12.97 11.86
CA GLY A 20 3.32 13.59 11.85
C GLY A 20 4.33 12.81 11.03
N GLU A 21 4.27 11.48 11.14
CA GLU A 21 5.18 10.62 10.40
C GLU A 21 4.55 10.13 9.11
N VAL A 22 3.84 11.03 8.42
CA VAL A 22 3.19 10.69 7.16
C VAL A 22 4.20 10.61 6.02
N GLN A 23 4.29 9.44 5.41
CA GLN A 23 5.22 9.22 4.29
C GLN A 23 4.46 8.92 3.01
N PRO A 24 5.09 9.23 1.87
CA PRO A 24 4.51 8.99 0.55
C PRO A 24 4.42 7.51 0.20
N ALA A 25 3.22 6.95 0.29
CA ALA A 25 3.00 5.54 -0.01
C ALA A 25 3.28 5.25 -1.48
N ARG A 26 4.55 5.00 -1.79
CA ARG A 26 4.95 4.70 -3.16
C ARG A 26 4.25 3.44 -3.67
N TYR A 27 3.93 2.54 -2.76
CA TYR A 27 3.25 1.30 -3.12
C TYR A 27 1.80 1.29 -2.64
N THR A 28 1.08 0.21 -2.93
CA THR A 28 -0.31 0.09 -2.53
C THR A 28 -0.75 -1.37 -2.53
N CYS A 29 -1.65 -1.71 -1.61
CA CYS A 29 -2.15 -3.08 -1.50
C CYS A 29 -2.91 -3.47 -2.77
N PRO A 30 -2.34 -4.44 -3.51
CA PRO A 30 -2.94 -4.94 -4.76
C PRO A 30 -4.20 -5.74 -4.50
N ARG A 31 -4.66 -5.74 -3.26
CA ARG A 31 -5.87 -6.47 -2.88
C ARG A 31 -6.96 -5.51 -2.41
N CYS A 32 -6.58 -4.56 -1.57
CA CYS A 32 -7.52 -3.59 -1.03
C CYS A 32 -7.16 -2.17 -1.49
N ASN A 33 -6.15 -2.07 -2.35
CA ASN A 33 -5.70 -0.78 -2.86
C ASN A 33 -5.40 0.18 -1.72
N ALA A 34 -4.55 -0.25 -0.80
CA ALA A 34 -4.16 0.57 0.34
C ALA A 34 -2.73 1.06 0.21
N PRO A 35 -2.58 2.40 0.08
CA PRO A 35 -1.26 3.03 -0.05
C PRO A 35 -0.44 2.95 1.23
N TYR A 36 0.62 2.15 1.21
CA TYR A 36 1.48 1.99 2.37
C TYR A 36 2.90 2.45 2.06
N CYS A 37 3.52 3.13 3.03
CA CYS A 37 4.88 3.63 2.86
C CYS A 37 5.85 2.48 2.63
N SER A 38 5.76 1.45 3.46
CA SER A 38 6.64 0.30 3.35
C SER A 38 5.91 -0.98 3.80
N LEU A 39 6.62 -2.10 3.75
CA LEU A 39 6.05 -3.38 4.14
C LEU A 39 5.44 -3.30 5.54
N ARG A 40 6.14 -2.62 6.44
CA ARG A 40 5.67 -2.46 7.81
C ARG A 40 4.19 -2.14 7.84
N CYS A 41 3.83 -0.97 7.33
CA CYS A 41 2.44 -0.54 7.29
C CYS A 41 1.58 -1.50 6.47
N TYR A 42 2.12 -1.92 5.32
CA TYR A 42 1.41 -2.84 4.44
C TYR A 42 0.84 -4.02 5.23
N ARG A 43 1.50 -4.36 6.34
CA ARG A 43 1.06 -5.47 7.19
C ARG A 43 0.14 -4.97 8.28
N THR A 44 0.38 -3.76 8.76
CA THR A 44 -0.44 -3.17 9.82
C THR A 44 -1.81 -2.79 9.30
N HIS A 45 -1.83 -1.95 8.26
CA HIS A 45 -3.09 -1.50 7.67
C HIS A 45 -4.12 -2.63 7.67
N GLY A 46 -3.75 -3.77 7.09
CA GLY A 46 -4.66 -4.90 7.04
C GLY A 46 -3.93 -6.22 6.90
N THR A 47 -4.68 -7.32 6.97
CA THR A 47 -4.09 -8.65 6.85
C THR A 47 -4.36 -9.24 5.47
N CYS A 48 -4.17 -8.44 4.43
CA CYS A 48 -4.39 -8.88 3.06
C CYS A 48 -3.21 -9.73 2.58
N ALA A 49 -2.10 -9.66 3.30
CA ALA A 49 -0.91 -10.42 2.93
C ALA A 49 -0.95 -11.82 3.53
N GLU A 50 -2.14 -12.41 3.56
CA GLU A 50 -2.31 -13.75 4.11
C GLU A 50 -1.95 -14.80 3.08
N ASN A 51 -2.36 -14.58 1.83
CA ASN A 51 -2.07 -15.52 0.75
C ASN A 51 -1.17 -14.88 -0.30
N PHE A 52 -1.36 -13.58 -0.53
CA PHE A 52 -0.56 -12.85 -1.51
C PHE A 52 0.92 -12.86 -1.10
N TYR A 53 1.70 -13.73 -1.75
CA TYR A 53 3.12 -13.83 -1.46
C TYR A 53 3.94 -13.87 -2.75
N SER A 54 5.19 -13.45 -2.65
CA SER A 54 6.09 -13.44 -3.82
C SER A 54 6.95 -14.69 -3.86
N GLY A 55 6.37 -15.78 -4.33
CA GLY A 55 7.10 -17.04 -4.42
C GLY A 55 7.13 -17.78 -3.10
N PRO A 56 5.96 -18.29 -2.69
CA PRO A 56 5.82 -19.04 -1.43
C PRO A 56 6.51 -20.40 -1.48
N SER A 57 6.93 -20.89 -0.32
CA SER A 57 7.61 -22.19 -0.24
C SER A 57 6.70 -23.24 0.35
N SER A 58 6.83 -24.48 -0.12
CA SER A 58 6.01 -25.58 0.36
C SER A 58 6.68 -26.28 1.54
N GLY A 59 5.93 -26.47 2.62
CA GLY A 59 6.48 -27.12 3.80
C GLY A 59 7.27 -26.19 4.67
#